data_7TUH
#
_entry.id   7TUH
#
_cell.length_a   49.104
_cell.length_b   62.127
_cell.length_c   128.462
_cell.angle_alpha   90.000
_cell.angle_beta   90.036
_cell.angle_gamma   90.000
#
_symmetry.space_group_name_H-M   'P 1 21 1'
#
loop_
_entity.id
_entity.type
_entity.pdbx_description
1 polymer 'PaSta2 Fab heavy chain'
2 polymer 'PaSta2 Fab kappa light chain'
3 water water
#
loop_
_entity_poly.entity_id
_entity_poly.type
_entity_poly.pdbx_seq_one_letter_code
_entity_poly.pdbx_strand_id
1 'polypeptide(L)'
;QVQLQQSGAELVRPGTSVKMSCKAAGYTFTNYWIGWIKQRPGHGLEWIGDIYPGGGYTNYNEKFKVKATLTADTSSVTAY
MQLSSLTSEDSAIYYCTREGNYGFAYWGQGTLVTVSAAKTTPPSVYPLAPGSAAQTNSMVTLGCLVKGYFPEPVTVTWNS
GSLSSGVHTFPAVLQSDLYTLSSSVTVPSSTWPSETVTCNVAHPASSTKVDKKIVPRDCGCKGSHHHHHH
;
H,A
2 'polypeptide(L)'
;DIVMTQSPSSLAMSVGQKVTLSCKSSQSLLNSINQKNYLAWYQQKPGQSPKMLVYFASTRESGVPDRFIGSGSGTDFTLT
ISSVQAEDLADYFCQQHYSTPLTFGAGTKLELKRADAAPTVSIFPPSSEQLTSGGASVVCFLNNFYPKDINVKWKIDGSE
RQNGVLNSWTDQDSKDSTYSMSSTLTLTKDEYERHNSYTCEATHKTSTSPIVKSFNRNEC
;
L,B
#
# COMPACT_ATOMS: atom_id res chain seq x y z
N GLN A 1 18.90 -36.25 22.61
CA GLN A 1 17.92 -35.52 21.83
C GLN A 1 18.60 -34.51 20.91
N VAL A 2 17.91 -34.13 19.83
CA VAL A 2 18.46 -33.18 18.89
C VAL A 2 18.48 -31.78 19.50
N GLN A 3 19.41 -30.96 19.05
CA GLN A 3 19.59 -29.62 19.61
C GLN A 3 20.46 -28.80 18.66
N LEU A 4 20.11 -27.53 18.51
CA LEU A 4 20.85 -26.61 17.64
C LEU A 4 21.32 -25.43 18.48
N GLN A 5 22.63 -25.24 18.56
CA GLN A 5 23.23 -24.16 19.33
C GLN A 5 23.92 -23.20 18.37
N GLN A 6 23.51 -21.94 18.40
CA GLN A 6 24.02 -20.93 17.49
C GLN A 6 25.01 -20.01 18.19
N SER A 7 25.82 -19.32 17.38
CA SER A 7 26.84 -18.43 17.91
C SER A 7 26.20 -17.20 18.55
N GLY A 8 27.01 -16.48 19.33
CA GLY A 8 26.52 -15.31 20.04
C GLY A 8 26.21 -14.16 19.11
N ALA A 9 25.65 -13.10 19.69
CA ALA A 9 25.27 -11.92 18.94
C ALA A 9 26.49 -11.27 18.29
N GLU A 10 26.28 -10.67 17.13
CA GLU A 10 27.35 -10.06 16.34
C GLU A 10 26.99 -8.60 16.08
N LEU A 11 27.64 -7.69 16.82
CA LEU A 11 27.56 -6.26 16.57
C LEU A 11 28.75 -5.87 15.70
N VAL A 12 28.47 -5.51 14.45
CA VAL A 12 29.51 -5.25 13.46
C VAL A 12 29.18 -3.96 12.72
N ARG A 13 30.00 -3.65 11.73
CA ARG A 13 29.93 -2.40 10.99
C ARG A 13 29.40 -2.64 9.58
N PRO A 14 28.84 -1.61 8.93
CA PRO A 14 28.33 -1.80 7.57
C PRO A 14 29.44 -2.06 6.58
N GLY A 15 29.10 -2.76 5.51
CA GLY A 15 30.04 -3.12 4.47
C GLY A 15 30.87 -4.35 4.75
N THR A 16 31.03 -4.73 6.02
CA THR A 16 31.85 -5.88 6.37
C THR A 16 31.04 -7.17 6.22
N SER A 17 31.58 -8.27 6.72
CA SER A 17 30.96 -9.58 6.62
C SER A 17 30.84 -10.20 7.99
N VAL A 18 30.01 -11.24 8.09
CA VAL A 18 29.78 -11.94 9.35
C VAL A 18 29.52 -13.40 9.04
N LYS A 19 30.13 -14.28 9.84
CA LYS A 19 29.89 -15.72 9.75
C LYS A 19 29.45 -16.21 11.13
N MET A 20 28.35 -16.96 11.15
CA MET A 20 27.81 -17.52 12.38
C MET A 20 27.84 -19.04 12.30
N SER A 21 27.61 -19.68 13.44
CA SER A 21 27.67 -21.13 13.55
C SER A 21 26.31 -21.68 13.97
N CYS A 22 26.19 -23.00 13.90
CA CYS A 22 24.97 -23.69 14.31
C CYS A 22 25.35 -25.16 14.53
N LYS A 23 25.69 -25.49 15.78
CA LYS A 23 26.10 -26.84 16.12
C LYS A 23 24.87 -27.74 16.27
N ALA A 24 24.90 -28.89 15.58
CA ALA A 24 23.79 -29.83 15.58
C ALA A 24 24.21 -31.08 16.34
N ALA A 25 23.66 -31.26 17.54
CA ALA A 25 24.00 -32.39 18.39
C ALA A 25 22.75 -33.18 18.73
N GLY A 26 22.82 -34.51 18.57
CA GLY A 26 21.73 -35.37 18.98
C GLY A 26 21.13 -36.20 17.87
N TYR A 27 21.76 -36.22 16.70
CA TYR A 27 21.24 -36.97 15.56
C TYR A 27 22.33 -37.04 14.50
N THR A 28 22.07 -37.87 13.49
CA THR A 28 22.96 -37.95 12.33
C THR A 28 23.00 -36.62 11.60
N PHE A 29 24.09 -35.87 11.78
CA PHE A 29 24.14 -34.49 11.29
C PHE A 29 24.06 -34.43 9.78
N THR A 30 24.76 -35.32 9.08
CA THR A 30 24.87 -35.27 7.63
C THR A 30 23.68 -35.90 6.91
N ASN A 31 22.56 -36.09 7.59
CA ASN A 31 21.40 -36.76 7.00
C ASN A 31 20.18 -35.86 6.88
N TYR A 32 20.25 -34.60 7.31
CA TYR A 32 19.10 -33.72 7.29
C TYR A 32 19.53 -32.35 6.78
N TRP A 33 18.59 -31.64 6.16
CA TRP A 33 18.84 -30.29 5.69
C TRP A 33 18.85 -29.31 6.86
N ILE A 34 19.62 -28.23 6.71
CA ILE A 34 19.69 -27.17 7.71
C ILE A 34 19.24 -25.88 7.02
N GLY A 35 18.12 -25.33 7.45
CA GLY A 35 17.57 -24.11 6.90
C GLY A 35 17.86 -22.91 7.78
N TRP A 36 17.90 -21.74 7.16
CA TRP A 36 18.21 -20.49 7.85
C TRP A 36 17.04 -19.52 7.68
N ILE A 37 16.58 -18.96 8.80
CA ILE A 37 15.42 -18.09 8.84
C ILE A 37 15.84 -16.74 9.41
N LYS A 38 15.32 -15.67 8.80
CA LYS A 38 15.59 -14.31 9.25
C LYS A 38 14.32 -13.70 9.81
N GLN A 39 14.42 -13.13 11.01
CA GLN A 39 13.30 -12.45 11.66
C GLN A 39 13.73 -11.02 11.98
N ARG A 40 13.26 -10.07 11.18
CA ARG A 40 13.58 -8.67 11.33
C ARG A 40 12.36 -7.90 11.85
N PRO A 41 12.56 -6.98 12.81
CA PRO A 41 11.44 -6.19 13.32
C PRO A 41 10.68 -5.45 12.24
N GLY A 42 9.45 -5.89 11.96
CA GLY A 42 8.59 -5.26 10.98
C GLY A 42 8.42 -6.04 9.70
N HIS A 43 9.16 -7.14 9.51
CA HIS A 43 9.10 -7.89 8.26
C HIS A 43 8.90 -9.38 8.50
N GLY A 44 8.44 -9.76 9.69
CA GLY A 44 8.08 -11.13 9.96
C GLY A 44 9.25 -12.08 9.82
N LEU A 45 8.99 -13.26 9.25
CA LEU A 45 9.98 -14.30 9.07
C LEU A 45 10.27 -14.46 7.58
N GLU A 46 11.53 -14.72 7.24
CA GLU A 46 11.95 -14.92 5.86
C GLU A 46 12.88 -16.11 5.80
N TRP A 47 12.79 -16.87 4.71
CA TRP A 47 13.63 -18.04 4.49
C TRP A 47 14.80 -17.66 3.60
N ILE A 48 16.02 -17.93 4.06
CA ILE A 48 17.22 -17.56 3.32
C ILE A 48 17.72 -18.71 2.46
N GLY A 49 17.74 -19.93 2.99
CA GLY A 49 18.22 -21.06 2.24
C GLY A 49 18.47 -22.24 3.15
N ASP A 50 18.62 -23.40 2.54
CA ASP A 50 18.94 -24.62 3.25
C ASP A 50 20.24 -25.20 2.72
N ILE A 51 20.83 -26.11 3.51
CA ILE A 51 22.05 -26.79 3.11
C ILE A 51 22.00 -28.23 3.60
N TYR A 52 22.34 -29.17 2.72
CA TYR A 52 22.40 -30.58 3.07
C TYR A 52 23.85 -30.97 3.25
N PRO A 53 24.31 -31.23 4.48
CA PRO A 53 25.73 -31.57 4.69
C PRO A 53 26.11 -32.94 4.17
N GLY A 54 25.71 -33.27 2.94
CA GLY A 54 26.04 -34.55 2.35
C GLY A 54 26.63 -34.42 0.97
N GLY A 55 25.80 -34.59 -0.06
CA GLY A 55 26.25 -34.52 -1.43
C GLY A 55 25.82 -33.22 -2.10
N GLY A 56 24.61 -33.21 -2.66
CA GLY A 56 23.99 -31.97 -3.06
C GLY A 56 23.86 -31.07 -1.84
N TYR A 57 24.61 -29.98 -1.82
CA TYR A 57 24.81 -29.21 -0.58
C TYR A 57 23.71 -28.17 -0.36
N THR A 58 23.71 -27.10 -1.16
CA THR A 58 22.96 -25.89 -0.81
C THR A 58 21.83 -25.61 -1.79
N ASN A 59 20.91 -24.76 -1.35
CA ASN A 59 19.81 -24.26 -2.17
C ASN A 59 19.39 -22.91 -1.58
N TYR A 60 19.50 -21.85 -2.37
CA TYR A 60 19.38 -20.49 -1.88
C TYR A 60 18.09 -19.83 -2.34
N ASN A 61 17.61 -18.90 -1.52
CA ASN A 61 16.54 -18.00 -1.93
C ASN A 61 17.03 -17.09 -3.04
N GLU A 62 16.07 -16.53 -3.79
CA GLU A 62 16.41 -15.66 -4.90
C GLU A 62 17.13 -14.39 -4.42
N LYS A 63 16.55 -13.72 -3.43
CA LYS A 63 17.13 -12.49 -2.92
C LYS A 63 18.31 -12.72 -1.98
N PHE A 64 18.67 -13.96 -1.73
CA PHE A 64 19.78 -14.31 -0.85
C PHE A 64 20.76 -15.22 -1.56
N LYS A 65 21.09 -14.91 -2.82
CA LYS A 65 22.06 -15.68 -3.57
C LYS A 65 23.45 -15.06 -3.56
N VAL A 66 23.53 -13.73 -3.62
CA VAL A 66 24.83 -13.06 -3.53
C VAL A 66 25.27 -12.94 -2.08
N LYS A 67 24.33 -12.67 -1.19
CA LYS A 67 24.57 -12.60 0.23
C LYS A 67 24.18 -13.91 0.89
N ALA A 68 24.81 -14.19 2.02
CA ALA A 68 24.45 -15.32 2.89
C ALA A 68 24.77 -16.65 2.21
N THR A 69 26.06 -16.87 1.97
CA THR A 69 26.53 -18.18 1.53
C THR A 69 26.48 -19.16 2.69
N LEU A 70 26.31 -20.43 2.36
CA LEU A 70 26.13 -21.50 3.35
C LEU A 70 27.22 -22.54 3.19
N THR A 71 27.71 -23.03 4.33
CA THR A 71 28.74 -24.07 4.36
C THR A 71 28.50 -24.95 5.58
N ALA A 72 28.97 -26.19 5.50
CA ALA A 72 28.82 -27.15 6.58
C ALA A 72 30.13 -27.91 6.78
N ASP A 73 30.35 -28.35 8.02
CA ASP A 73 31.49 -29.17 8.39
C ASP A 73 30.96 -30.53 8.82
N THR A 74 31.11 -31.54 7.96
CA THR A 74 30.63 -32.87 8.30
C THR A 74 31.49 -33.52 9.38
N SER A 75 32.75 -33.11 9.49
CA SER A 75 33.65 -33.65 10.50
C SER A 75 33.19 -33.26 11.90
N SER A 76 33.28 -31.98 12.24
CA SER A 76 32.78 -31.45 13.49
C SER A 76 31.43 -30.79 13.22
N VAL A 77 30.38 -31.27 13.88
CA VAL A 77 29.01 -30.85 13.63
C VAL A 77 28.86 -29.33 13.82
N THR A 78 28.69 -28.62 12.70
CA THR A 78 28.44 -27.18 12.70
C THR A 78 27.87 -26.80 11.33
N ALA A 79 27.03 -25.78 11.32
CA ALA A 79 26.52 -25.19 10.08
C ALA A 79 26.80 -23.71 10.08
N TYR A 80 27.38 -23.21 8.99
CA TYR A 80 27.82 -21.83 8.90
C TYR A 80 27.02 -21.07 7.85
N MET A 81 26.78 -19.79 8.11
CA MET A 81 26.16 -18.88 7.15
C MET A 81 27.03 -17.63 7.05
N GLN A 82 27.57 -17.37 5.87
CA GLN A 82 28.48 -16.25 5.65
C GLN A 82 27.72 -15.10 5.02
N LEU A 83 27.41 -14.09 5.82
CA LEU A 83 26.81 -12.87 5.31
C LEU A 83 27.89 -11.94 4.76
N SER A 84 27.52 -11.10 3.80
CA SER A 84 28.48 -10.22 3.15
C SER A 84 27.80 -8.91 2.80
N SER A 85 28.63 -7.87 2.63
CA SER A 85 28.17 -6.53 2.27
C SER A 85 27.05 -6.07 3.19
N LEU A 86 27.33 -6.10 4.49
CA LEU A 86 26.30 -5.89 5.49
C LEU A 86 25.79 -4.45 5.45
N THR A 87 24.50 -4.29 5.27
CA THR A 87 23.81 -3.01 5.34
C THR A 87 22.91 -2.97 6.56
N SER A 88 22.48 -1.76 6.92
CA SER A 88 21.70 -1.58 8.14
C SER A 88 20.45 -2.43 8.17
N GLU A 89 19.88 -2.75 7.01
CA GLU A 89 18.67 -3.55 6.93
C GLU A 89 18.93 -5.04 7.13
N ASP A 90 20.17 -5.43 7.45
CA ASP A 90 20.50 -6.81 7.76
C ASP A 90 20.48 -7.09 9.26
N SER A 91 20.16 -6.09 10.07
CA SER A 91 20.00 -6.31 11.50
C SER A 91 18.72 -7.10 11.75
N ALA A 92 18.87 -8.30 12.29
CA ALA A 92 17.75 -9.19 12.55
C ALA A 92 18.23 -10.32 13.44
N ILE A 93 17.30 -11.21 13.80
CA ILE A 93 17.62 -12.44 14.51
C ILE A 93 17.55 -13.58 13.51
N TYR A 94 18.61 -14.36 13.43
CA TYR A 94 18.72 -15.45 12.46
C TYR A 94 18.70 -16.78 13.19
N TYR A 95 17.81 -17.67 12.77
CA TYR A 95 17.69 -19.01 13.33
C TYR A 95 18.15 -20.05 12.31
N CYS A 96 18.73 -21.13 12.82
CA CYS A 96 18.99 -22.31 12.03
C CYS A 96 18.01 -23.41 12.44
N THR A 97 17.52 -24.16 11.46
CA THR A 97 16.50 -25.17 11.68
C THR A 97 16.88 -26.46 10.97
N ARG A 98 16.36 -27.57 11.49
CA ARG A 98 16.51 -28.88 10.86
C ARG A 98 15.25 -29.11 10.03
N GLU A 99 15.35 -28.84 8.73
CA GLU A 99 14.20 -28.95 7.85
C GLU A 99 13.74 -30.41 7.73
N GLY A 100 12.45 -30.58 7.43
CA GLY A 100 11.87 -31.89 7.25
C GLY A 100 10.88 -31.95 6.11
N ASN A 101 10.08 -33.00 6.06
CA ASN A 101 9.09 -33.15 4.99
C ASN A 101 7.89 -32.24 5.19
N TYR A 102 7.53 -31.95 6.45
CA TYR A 102 6.37 -31.12 6.75
C TYR A 102 6.74 -29.81 7.41
N GLY A 103 8.02 -29.44 7.42
CA GLY A 103 8.45 -28.21 8.04
C GLY A 103 9.80 -28.32 8.73
N PHE A 104 10.00 -27.51 9.76
CA PHE A 104 11.26 -27.50 10.51
C PHE A 104 11.18 -28.31 11.79
N ALA A 105 10.33 -27.89 12.73
CA ALA A 105 10.05 -28.61 13.97
C ALA A 105 11.24 -28.65 14.93
N TYR A 106 12.42 -28.26 14.46
CA TYR A 106 13.62 -28.23 15.31
C TYR A 106 14.39 -26.96 15.00
N TRP A 107 14.36 -26.00 15.92
CA TRP A 107 14.96 -24.70 15.72
C TRP A 107 16.16 -24.51 16.63
N GLY A 108 17.01 -23.54 16.28
CA GLY A 108 18.12 -23.16 17.12
C GLY A 108 17.78 -22.02 18.06
N GLN A 109 18.74 -21.69 18.91
CA GLN A 109 18.53 -20.62 19.88
C GLN A 109 18.37 -19.28 19.20
N GLY A 110 19.18 -19.01 18.18
CA GLY A 110 19.10 -17.76 17.45
C GLY A 110 20.35 -16.92 17.63
N THR A 111 20.68 -16.15 16.60
CA THR A 111 21.82 -15.23 16.63
C THR A 111 21.31 -13.86 16.20
N LEU A 112 21.47 -12.88 17.08
CA LEU A 112 21.07 -11.50 16.80
C LEU A 112 22.24 -10.77 16.16
N VAL A 113 22.02 -10.25 14.95
CA VAL A 113 23.04 -9.49 14.23
C VAL A 113 22.59 -8.05 14.18
N THR A 114 23.50 -7.13 14.48
CA THR A 114 23.24 -5.69 14.43
C THR A 114 24.40 -5.02 13.72
N VAL A 115 24.08 -4.16 12.76
CA VAL A 115 25.08 -3.46 11.96
C VAL A 115 24.86 -1.95 12.13
N SER A 116 25.94 -1.22 12.38
CA SER A 116 25.89 0.23 12.52
C SER A 116 27.31 0.77 12.56
N ALA A 117 27.48 1.98 12.04
CA ALA A 117 28.75 2.67 12.07
C ALA A 117 28.92 3.54 13.30
N ALA A 118 27.95 3.53 14.22
CA ALA A 118 28.01 4.38 15.39
C ALA A 118 29.11 3.93 16.34
N LYS A 119 29.98 4.87 16.71
CA LYS A 119 31.01 4.59 17.69
C LYS A 119 30.38 4.36 19.07
N THR A 120 30.98 3.46 19.84
CA THR A 120 30.49 3.18 21.19
C THR A 120 30.59 4.41 22.07
N THR A 121 29.45 5.03 22.36
CA THR A 121 29.40 6.25 23.14
C THR A 121 28.54 6.05 24.39
N PRO A 122 28.97 6.55 25.54
CA PRO A 122 28.16 6.49 26.75
C PRO A 122 26.96 7.41 26.64
N PRO A 123 25.89 7.14 27.38
CA PRO A 123 24.69 7.99 27.30
C PRO A 123 24.80 9.23 28.16
N SER A 124 23.88 10.16 27.91
CA SER A 124 23.69 11.34 28.73
C SER A 124 22.26 11.32 29.24
N VAL A 125 22.09 11.40 30.55
CA VAL A 125 20.79 11.25 31.19
C VAL A 125 20.34 12.59 31.76
N TYR A 126 19.05 12.88 31.61
CA TYR A 126 18.48 14.15 32.05
C TYR A 126 17.23 13.88 32.88
N PRO A 127 17.14 14.42 34.09
CA PRO A 127 15.91 14.25 34.89
C PRO A 127 14.74 14.94 34.23
N LEU A 128 13.54 14.42 34.50
CA LEU A 128 12.29 14.95 33.95
C LEU A 128 11.35 15.23 35.11
N ALA A 129 11.31 16.50 35.55
CA ALA A 129 10.43 16.98 36.60
C ALA A 129 9.19 17.64 36.01
N PRO A 130 8.05 17.56 36.70
CA PRO A 130 6.82 18.15 36.14
C PRO A 130 6.85 19.66 36.05
N GLY A 131 7.67 20.33 36.84
CA GLY A 131 7.68 21.78 36.84
C GLY A 131 6.88 22.36 37.98
N SER A 132 7.33 23.52 38.47
CA SER A 132 6.68 24.14 39.63
C SER A 132 5.23 24.51 39.32
N ALA A 133 4.99 25.10 38.15
CA ALA A 133 3.64 25.46 37.73
C ALA A 133 2.95 24.21 37.22
N ALA A 134 2.22 23.54 38.11
CA ALA A 134 1.50 22.32 37.76
C ALA A 134 0.44 22.06 38.82
N GLN A 135 -0.47 21.14 38.50
CA GLN A 135 -1.52 20.71 39.41
C GLN A 135 -1.29 19.25 39.80
N THR A 136 -0.24 19.05 40.60
CA THR A 136 0.12 17.71 41.06
C THR A 136 -0.98 17.14 41.94
N ASN A 137 -1.71 16.16 41.43
CA ASN A 137 -2.84 15.56 42.14
C ASN A 137 -2.43 14.18 42.64
N SER A 138 -2.33 14.04 43.97
CA SER A 138 -2.00 12.77 44.61
C SER A 138 -0.69 12.19 44.10
N MET A 139 -0.75 11.40 43.02
CA MET A 139 0.44 10.81 42.45
C MET A 139 1.15 11.80 41.54
N VAL A 140 2.47 11.85 41.65
CA VAL A 140 3.31 12.66 40.78
C VAL A 140 4.22 11.72 39.98
N THR A 141 4.33 11.98 38.69
CA THR A 141 5.09 11.13 37.78
C THR A 141 6.39 11.82 37.40
N LEU A 142 7.50 11.09 37.52
CA LEU A 142 8.82 11.60 37.19
C LEU A 142 9.44 10.75 36.09
N GLY A 143 10.47 11.31 35.44
CA GLY A 143 11.07 10.66 34.30
C GLY A 143 12.58 10.75 34.32
N CYS A 144 13.21 9.87 33.53
CA CYS A 144 14.65 9.86 33.34
C CYS A 144 14.92 9.63 31.85
N LEU A 145 15.33 10.69 31.16
CA LEU A 145 15.54 10.63 29.72
C LEU A 145 17.00 10.28 29.42
N VAL A 146 17.19 9.23 28.63
CA VAL A 146 18.51 8.72 28.28
C VAL A 146 18.71 8.87 26.77
N LYS A 147 19.70 9.67 26.38
CA LYS A 147 19.90 10.01 24.97
C LYS A 147 21.37 9.89 24.60
N GLY A 148 21.61 9.42 23.38
CA GLY A 148 22.95 9.40 22.81
C GLY A 148 23.85 8.32 23.34
N TYR A 149 23.54 7.06 23.08
CA TYR A 149 24.39 5.95 23.50
C TYR A 149 24.39 4.88 22.43
N PHE A 150 25.39 4.00 22.52
CA PHE A 150 25.56 2.90 21.58
C PHE A 150 26.60 1.92 22.10
N PRO A 151 26.34 0.60 22.01
CA PRO A 151 25.09 0.00 21.57
C PRO A 151 24.36 -0.67 22.73
N GLU A 152 23.72 -1.82 22.47
CA GLU A 152 23.22 -2.70 23.51
C GLU A 152 22.12 -2.00 24.31
N PRO A 153 21.59 -2.59 25.38
CA PRO A 153 20.66 -1.85 26.24
C PRO A 153 21.36 -1.05 27.33
N VAL A 154 20.57 -0.21 27.99
CA VAL A 154 20.98 0.51 29.19
C VAL A 154 20.07 0.05 30.33
N THR A 155 20.67 -0.34 31.45
CA THR A 155 19.90 -0.79 32.61
C THR A 155 19.59 0.41 33.49
N VAL A 156 18.31 0.75 33.61
CA VAL A 156 17.86 1.91 34.37
C VAL A 156 17.05 1.41 35.57
N THR A 157 17.39 1.90 36.76
CA THR A 157 16.68 1.59 37.98
C THR A 157 16.39 2.88 38.74
N TRP A 158 15.46 2.80 39.68
CA TRP A 158 15.05 3.94 40.49
C TRP A 158 15.41 3.67 41.94
N ASN A 159 16.25 4.54 42.51
CA ASN A 159 16.75 4.37 43.87
C ASN A 159 17.40 3.00 44.05
N SER A 160 18.29 2.67 43.11
CA SER A 160 19.01 1.39 43.09
C SER A 160 18.06 0.20 43.08
N GLY A 161 16.89 0.36 42.45
CA GLY A 161 15.95 -0.73 42.32
C GLY A 161 14.99 -0.89 43.47
N SER A 162 15.11 -0.10 44.53
CA SER A 162 14.19 -0.20 45.64
C SER A 162 12.79 0.28 45.30
N LEU A 163 12.67 1.15 44.29
CA LEU A 163 11.38 1.68 43.85
C LEU A 163 11.09 1.11 42.47
N SER A 164 10.25 0.07 42.42
CA SER A 164 9.89 -0.59 41.17
C SER A 164 8.41 -0.51 40.84
N SER A 165 7.57 -0.09 41.78
CA SER A 165 6.14 0.02 41.52
C SER A 165 5.84 1.24 40.66
N GLY A 166 5.01 1.05 39.65
CA GLY A 166 4.65 2.15 38.76
C GLY A 166 5.77 2.62 37.87
N VAL A 167 6.74 1.75 37.56
CA VAL A 167 7.88 2.10 36.73
C VAL A 167 7.65 1.56 35.33
N HIS A 168 7.78 2.42 34.33
CA HIS A 168 7.61 2.04 32.93
C HIS A 168 8.84 2.49 32.15
N THR A 169 9.57 1.52 31.59
CA THR A 169 10.68 1.80 30.71
C THR A 169 10.27 1.51 29.28
N PHE A 170 10.68 2.38 28.36
CA PHE A 170 10.25 2.27 26.99
C PHE A 170 11.39 1.75 26.10
N PRO A 171 11.06 0.98 25.07
CA PRO A 171 12.11 0.43 24.20
C PRO A 171 12.92 1.54 23.54
N ALA A 172 14.20 1.25 23.32
CA ALA A 172 15.10 2.24 22.75
C ALA A 172 14.74 2.57 21.31
N VAL A 173 15.02 3.81 20.91
CA VAL A 173 14.74 4.28 19.57
C VAL A 173 16.02 4.89 19.01
N LEU A 174 16.37 4.49 17.78
CA LEU A 174 17.56 5.03 17.14
C LEU A 174 17.30 6.47 16.67
N GLN A 175 18.23 7.36 16.96
CA GLN A 175 18.14 8.76 16.55
C GLN A 175 19.53 9.28 16.22
N SER A 176 19.69 9.81 15.02
CA SER A 176 20.98 10.32 14.55
C SER A 176 22.08 9.26 14.74
N ASP A 177 21.73 8.02 14.42
CA ASP A 177 22.62 6.86 14.58
C ASP A 177 23.05 6.68 16.04
N LEU A 178 22.18 7.05 16.98
CA LEU A 178 22.43 6.84 18.40
C LEU A 178 21.12 6.51 19.09
N TYR A 179 21.19 5.58 20.06
CA TYR A 179 19.99 5.11 20.72
C TYR A 179 19.46 6.15 21.71
N THR A 180 18.16 6.03 22.01
CA THR A 180 17.50 6.94 22.93
C THR A 180 16.29 6.24 23.54
N LEU A 181 16.10 6.40 24.83
CA LEU A 181 14.89 5.90 25.51
C LEU A 181 14.61 6.79 26.71
N SER A 182 13.56 6.43 27.44
CA SER A 182 13.17 7.15 28.64
C SER A 182 12.49 6.17 29.59
N SER A 183 12.38 6.58 30.85
CA SER A 183 11.72 5.79 31.88
C SER A 183 10.80 6.71 32.69
N SER A 184 9.70 6.14 33.16
CA SER A 184 8.74 6.88 33.95
C SER A 184 8.48 6.15 35.26
N VAL A 185 8.18 6.91 36.31
CA VAL A 185 7.85 6.35 37.62
C VAL A 185 6.86 7.26 38.30
N THR A 186 5.83 6.66 38.89
CA THR A 186 4.80 7.39 39.63
C THR A 186 5.01 7.19 41.12
N VAL A 187 5.16 8.29 41.84
CA VAL A 187 5.33 8.26 43.29
C VAL A 187 4.31 9.22 43.91
N PRO A 188 3.93 8.99 45.17
CA PRO A 188 2.99 9.91 45.82
C PRO A 188 3.60 11.27 46.06
N SER A 189 2.75 12.30 46.03
CA SER A 189 3.20 13.65 46.31
C SER A 189 3.62 13.83 47.77
N SER A 190 3.10 13.00 48.67
CA SER A 190 3.54 13.05 50.06
C SER A 190 4.99 12.62 50.21
N THR A 191 5.54 11.92 49.22
CA THR A 191 6.93 11.48 49.25
C THR A 191 7.86 12.38 48.45
N TRP A 192 7.39 12.90 47.31
CA TRP A 192 8.21 13.77 46.47
C TRP A 192 7.56 15.14 46.34
N PRO A 193 8.35 16.22 46.41
CA PRO A 193 9.81 16.24 46.56
C PRO A 193 10.29 16.14 48.00
N SER A 194 9.44 15.67 48.90
CA SER A 194 9.86 15.48 50.29
C SER A 194 11.04 14.53 50.39
N GLU A 195 11.02 13.44 49.63
CA GLU A 195 12.11 12.49 49.57
C GLU A 195 12.74 12.51 48.19
N THR A 196 14.05 12.27 48.15
CA THR A 196 14.78 12.29 46.89
C THR A 196 14.46 11.05 46.07
N VAL A 197 14.43 11.23 44.74
CA VAL A 197 14.19 10.15 43.80
C VAL A 197 15.24 10.22 42.71
N THR A 198 16.00 9.15 42.55
CA THR A 198 17.13 9.11 41.62
C THR A 198 16.95 7.96 40.64
N CYS A 199 17.35 8.19 39.39
CA CYS A 199 17.42 7.14 38.39
C CYS A 199 18.88 6.78 38.17
N ASN A 200 19.19 5.50 38.26
CA ASN A 200 20.54 4.98 38.06
C ASN A 200 20.61 4.26 36.73
N VAL A 201 21.42 4.77 35.82
CA VAL A 201 21.56 4.21 34.48
C VAL A 201 22.96 3.62 34.32
N ALA A 202 23.03 2.44 33.74
CA ALA A 202 24.30 1.74 33.52
C ALA A 202 24.42 1.36 32.05
N HIS A 203 25.57 1.70 31.46
CA HIS A 203 25.86 1.36 30.06
C HIS A 203 26.95 0.30 30.05
N PRO A 204 26.59 -0.99 30.04
CA PRO A 204 27.62 -2.04 30.11
C PRO A 204 28.58 -2.05 28.95
N ALA A 205 28.23 -1.43 27.81
CA ALA A 205 29.18 -1.34 26.70
C ALA A 205 30.34 -0.42 27.06
N SER A 206 30.04 0.86 27.30
CA SER A 206 31.07 1.80 27.72
C SER A 206 31.44 1.66 29.19
N SER A 207 30.74 0.81 29.94
CA SER A 207 31.02 0.54 31.35
C SER A 207 30.98 1.84 32.17
N THR A 208 29.85 2.53 32.09
CA THR A 208 29.62 3.73 32.86
C THR A 208 28.36 3.59 33.71
N LYS A 209 28.30 4.37 34.78
CA LYS A 209 27.15 4.41 35.67
C LYS A 209 26.89 5.86 36.05
N VAL A 210 25.64 6.28 35.95
CA VAL A 210 25.25 7.66 36.23
C VAL A 210 24.02 7.66 37.12
N ASP A 211 24.09 8.37 38.23
CA ASP A 211 22.96 8.55 39.15
C ASP A 211 22.63 10.03 39.19
N LYS A 212 21.44 10.38 38.71
CA LYS A 212 21.01 11.77 38.65
C LYS A 212 19.66 11.92 39.34
N LYS A 213 19.64 12.69 40.42
CA LYS A 213 18.41 12.95 41.15
C LYS A 213 17.46 13.80 40.32
N ILE A 214 16.17 13.63 40.57
CA ILE A 214 15.13 14.44 39.94
C ILE A 214 14.79 15.58 40.89
N VAL A 215 15.06 16.80 40.46
CA VAL A 215 14.85 17.99 41.28
C VAL A 215 13.79 18.86 40.63
N PRO A 216 12.95 19.55 41.41
CA PRO A 216 11.88 20.40 40.86
C PRO A 216 12.41 21.59 40.07
N ASP B 1 7.30 -16.07 -4.21
CA ASP B 1 6.37 -16.68 -5.15
C ASP B 1 4.97 -16.81 -4.53
N ILE B 2 4.85 -17.70 -3.56
CA ILE B 2 3.59 -17.91 -2.85
C ILE B 2 3.50 -16.94 -1.69
N VAL B 3 2.38 -16.23 -1.59
CA VAL B 3 2.15 -15.25 -0.54
C VAL B 3 1.17 -15.83 0.47
N MET B 4 1.51 -15.71 1.75
CA MET B 4 0.68 -16.20 2.84
C MET B 4 0.12 -15.00 3.59
N THR B 5 -1.20 -14.82 3.51
CA THR B 5 -1.87 -13.70 4.16
C THR B 5 -2.59 -14.22 5.41
N GLN B 6 -2.11 -13.79 6.58
CA GLN B 6 -2.69 -14.20 7.84
C GLN B 6 -3.71 -13.17 8.32
N SER B 7 -4.78 -13.65 8.95
CA SER B 7 -5.85 -12.80 9.45
C SER B 7 -6.37 -13.37 10.77
N PRO B 8 -6.74 -12.49 11.72
CA PRO B 8 -6.62 -11.04 11.59
C PRO B 8 -5.25 -10.55 12.04
N SER B 9 -5.11 -9.22 12.18
CA SER B 9 -3.83 -8.65 12.60
C SER B 9 -3.45 -9.13 14.00
N SER B 10 -4.32 -8.88 14.97
CA SER B 10 -4.05 -9.27 16.35
C SER B 10 -5.36 -9.21 17.12
N LEU B 11 -5.86 -10.37 17.55
CA LEU B 11 -7.07 -10.44 18.35
C LEU B 11 -6.73 -10.68 19.82
N ALA B 12 -7.54 -10.10 20.70
CA ALA B 12 -7.32 -10.17 22.15
C ALA B 12 -8.62 -10.65 22.80
N MET B 13 -8.77 -11.96 22.92
CA MET B 13 -9.95 -12.57 23.51
C MET B 13 -9.64 -13.08 24.90
N SER B 14 -10.68 -13.14 25.74
CA SER B 14 -10.52 -13.63 27.10
C SER B 14 -10.32 -15.14 27.10
N VAL B 15 -9.75 -15.64 28.20
CA VAL B 15 -9.48 -17.07 28.32
C VAL B 15 -10.80 -17.82 28.48
N GLY B 16 -10.80 -19.09 28.08
CA GLY B 16 -11.96 -19.93 28.22
C GLY B 16 -12.68 -20.22 26.92
N GLN B 17 -12.89 -19.20 26.09
CA GLN B 17 -13.61 -19.37 24.84
C GLN B 17 -12.64 -19.60 23.69
N LYS B 18 -13.20 -20.07 22.57
CA LYS B 18 -12.42 -20.50 21.43
C LYS B 18 -12.12 -19.34 20.49
N VAL B 19 -10.90 -19.31 19.97
CA VAL B 19 -10.47 -18.32 19.00
C VAL B 19 -10.07 -19.03 17.72
N THR B 20 -10.01 -18.27 16.63
CA THR B 20 -9.69 -18.81 15.32
C THR B 20 -8.74 -17.88 14.58
N LEU B 21 -7.85 -18.46 13.79
CA LEU B 21 -6.94 -17.73 12.94
C LEU B 21 -7.05 -18.27 11.52
N SER B 22 -6.95 -17.38 10.53
CA SER B 22 -7.09 -17.75 9.14
C SER B 22 -5.78 -17.47 8.41
N CYS B 23 -5.56 -18.19 7.32
CA CYS B 23 -4.37 -18.03 6.49
C CYS B 23 -4.74 -18.33 5.06
N LYS B 24 -4.57 -17.34 4.19
CA LYS B 24 -4.89 -17.47 2.78
C LYS B 24 -3.61 -17.62 1.98
N SER B 25 -3.64 -18.52 1.00
CA SER B 25 -2.50 -18.75 0.11
C SER B 25 -2.82 -18.21 -1.28
N SER B 26 -1.82 -17.61 -1.92
CA SER B 26 -2.02 -17.06 -3.26
C SER B 26 -2.22 -18.14 -4.31
N GLN B 27 -1.91 -19.40 -3.99
CA GLN B 27 -2.13 -20.51 -4.91
C GLN B 27 -2.32 -21.77 -4.09
N SER B 28 -2.87 -22.80 -4.75
CA SER B 28 -3.18 -24.05 -4.08
C SER B 28 -1.92 -24.71 -3.53
N LEU B 29 -1.98 -25.13 -2.27
CA LEU B 29 -0.90 -25.86 -1.63
C LEU B 29 -1.17 -27.35 -1.54
N LEU B 30 -2.19 -27.83 -2.21
CA LEU B 30 -2.58 -29.24 -2.15
C LEU B 30 -1.96 -30.00 -3.31
N ASN B 31 -1.12 -30.98 -2.99
CA ASN B 31 -0.54 -31.83 -4.02
C ASN B 31 -1.60 -32.77 -4.58
N SER B 32 -1.59 -32.96 -5.89
CA SER B 32 -2.54 -33.88 -6.52
C SER B 32 -2.28 -35.31 -6.05
N ILE B 33 -1.06 -35.79 -6.22
CA ILE B 33 -0.65 -37.06 -5.63
C ILE B 33 -0.40 -36.85 -4.15
N ASN B 34 -0.52 -37.91 -3.36
CA ASN B 34 -0.29 -37.91 -1.91
C ASN B 34 -1.08 -36.80 -1.20
N GLN B 35 -2.18 -36.36 -1.82
CA GLN B 35 -3.05 -35.27 -1.41
C GLN B 35 -2.85 -34.78 0.03
N LYS B 36 -1.89 -33.88 0.24
CA LYS B 36 -1.64 -33.29 1.54
C LYS B 36 -1.26 -31.83 1.35
N ASN B 37 -1.91 -30.94 2.09
CA ASN B 37 -1.66 -29.51 2.00
C ASN B 37 -0.34 -29.20 2.72
N TYR B 38 0.65 -28.74 1.97
CA TYR B 38 1.97 -28.45 2.52
C TYR B 38 1.94 -27.08 3.20
N LEU B 39 1.35 -27.06 4.40
CA LEU B 39 1.25 -25.85 5.19
C LEU B 39 1.42 -26.22 6.67
N ALA B 40 2.15 -25.39 7.40
CA ALA B 40 2.43 -25.65 8.81
C ALA B 40 2.17 -24.39 9.64
N TRP B 41 1.65 -24.59 10.84
CA TRP B 41 1.42 -23.53 11.80
C TRP B 41 2.47 -23.58 12.90
N TYR B 42 3.11 -22.45 13.17
CA TYR B 42 4.13 -22.35 14.20
C TYR B 42 3.66 -21.38 15.28
N GLN B 43 4.22 -21.53 16.47
CA GLN B 43 3.93 -20.65 17.59
C GLN B 43 5.24 -20.19 18.22
N GLN B 44 5.34 -18.88 18.47
CA GLN B 44 6.55 -18.29 19.02
C GLN B 44 6.17 -17.48 20.26
N LYS B 45 6.59 -17.95 21.43
CA LYS B 45 6.33 -17.21 22.66
C LYS B 45 7.06 -15.86 22.61
N PRO B 46 6.61 -14.88 23.40
CA PRO B 46 7.23 -13.55 23.34
C PRO B 46 8.73 -13.60 23.64
N GLY B 47 9.51 -13.22 22.64
CA GLY B 47 10.96 -13.21 22.77
C GLY B 47 11.56 -14.60 22.85
N GLN B 48 11.26 -15.44 21.87
CA GLN B 48 11.75 -16.81 21.86
C GLN B 48 11.75 -17.31 20.41
N SER B 49 12.03 -18.59 20.25
CA SER B 49 12.05 -19.30 18.98
C SER B 49 10.69 -19.90 18.68
N PRO B 50 10.29 -19.95 17.41
CA PRO B 50 8.98 -20.51 17.06
C PRO B 50 8.95 -22.03 17.25
N LYS B 51 7.80 -22.51 17.70
CA LYS B 51 7.55 -23.94 17.87
C LYS B 51 6.41 -24.37 16.96
N MET B 52 6.64 -25.43 16.19
CA MET B 52 5.63 -25.91 15.25
C MET B 52 4.44 -26.49 16.00
N LEU B 53 3.24 -26.05 15.62
CA LEU B 53 2.00 -26.54 16.20
C LEU B 53 1.32 -27.60 15.35
N VAL B 54 1.09 -27.29 14.07
CA VAL B 54 0.37 -28.16 13.15
C VAL B 54 1.18 -28.28 11.87
N TYR B 55 1.24 -29.48 11.32
CA TYR B 55 1.89 -29.70 10.03
C TYR B 55 0.94 -30.43 9.10
N PHE B 56 1.24 -30.34 7.80
CA PHE B 56 0.38 -30.88 6.74
C PHE B 56 -1.06 -30.37 6.88
N ALA B 57 -1.22 -29.20 7.50
CA ALA B 57 -2.45 -28.42 7.55
C ALA B 57 -3.56 -29.04 8.39
N SER B 58 -3.36 -30.20 9.00
CA SER B 58 -4.44 -30.81 9.76
C SER B 58 -3.94 -31.56 10.98
N THR B 59 -2.78 -32.18 10.88
CA THR B 59 -2.27 -33.03 11.95
C THR B 59 -1.42 -32.23 12.93
N ARG B 60 -1.53 -32.57 14.21
CA ARG B 60 -0.80 -31.88 15.26
C ARG B 60 0.59 -32.47 15.44
N GLU B 61 1.48 -31.66 16.00
CA GLU B 61 2.80 -32.13 16.40
C GLU B 61 2.73 -32.76 17.78
N SER B 62 3.56 -33.79 17.99
CA SER B 62 3.59 -34.47 19.28
C SER B 62 4.02 -33.50 20.38
N GLY B 63 3.25 -33.48 21.46
CA GLY B 63 3.49 -32.56 22.56
C GLY B 63 2.59 -31.33 22.55
N VAL B 64 1.76 -31.16 21.55
CA VAL B 64 0.85 -30.03 21.45
C VAL B 64 -0.54 -30.50 21.89
N PRO B 65 -1.24 -29.76 22.74
CA PRO B 65 -2.58 -30.19 23.17
C PRO B 65 -3.55 -30.22 22.00
N ASP B 66 -4.58 -31.06 22.12
CA ASP B 66 -5.57 -31.25 21.07
C ASP B 66 -6.47 -30.04 20.88
N ARG B 67 -6.34 -29.01 21.70
CA ARG B 67 -7.12 -27.79 21.50
C ARG B 67 -6.71 -27.03 20.26
N PHE B 68 -5.48 -27.21 19.78
CA PHE B 68 -5.02 -26.58 18.56
C PHE B 68 -5.48 -27.42 17.38
N ILE B 69 -6.57 -27.01 16.74
CA ILE B 69 -7.14 -27.74 15.61
C ILE B 69 -6.80 -26.98 14.33
N GLY B 70 -6.13 -27.66 13.41
CA GLY B 70 -5.80 -27.11 12.10
C GLY B 70 -6.66 -27.73 11.03
N SER B 71 -7.21 -26.88 10.17
CA SER B 71 -8.08 -27.34 9.08
C SER B 71 -7.85 -26.43 7.87
N GLY B 72 -8.62 -26.67 6.83
CA GLY B 72 -8.52 -25.93 5.59
C GLY B 72 -7.97 -26.76 4.45
N SER B 73 -8.11 -26.21 3.25
CA SER B 73 -7.63 -26.88 2.04
C SER B 73 -7.46 -25.85 0.94
N GLY B 74 -6.72 -26.25 -0.10
CA GLY B 74 -6.49 -25.39 -1.24
C GLY B 74 -5.72 -24.13 -0.92
N THR B 75 -6.44 -23.03 -0.70
CA THR B 75 -5.84 -21.75 -0.39
C THR B 75 -6.25 -21.18 0.96
N ASP B 76 -7.34 -21.64 1.55
CA ASP B 76 -7.84 -21.13 2.82
C ASP B 76 -7.58 -22.17 3.91
N PHE B 77 -6.92 -21.73 4.98
CA PHE B 77 -6.58 -22.60 6.09
C PHE B 77 -6.93 -21.92 7.41
N THR B 78 -7.13 -22.73 8.44
CA THR B 78 -7.64 -22.25 9.72
C THR B 78 -6.95 -22.98 10.87
N LEU B 79 -6.64 -22.24 11.93
CA LEU B 79 -6.14 -22.81 13.17
C LEU B 79 -6.99 -22.28 14.32
N THR B 80 -7.62 -23.18 15.05
CA THR B 80 -8.48 -22.82 16.18
C THR B 80 -7.87 -23.31 17.48
N ILE B 81 -8.07 -22.52 18.54
CA ILE B 81 -7.71 -22.88 19.90
C ILE B 81 -8.99 -22.93 20.71
N SER B 82 -9.34 -24.12 21.20
CA SER B 82 -10.68 -24.31 21.76
C SER B 82 -10.84 -23.63 23.11
N SER B 83 -9.82 -23.73 23.98
CA SER B 83 -9.86 -23.11 25.30
C SER B 83 -8.55 -22.38 25.54
N VAL B 84 -8.57 -21.06 25.32
CA VAL B 84 -7.34 -20.27 25.45
C VAL B 84 -6.92 -20.21 26.90
N GLN B 85 -5.61 -20.35 27.13
CA GLN B 85 -5.01 -20.26 28.45
C GLN B 85 -3.90 -19.22 28.42
N ALA B 86 -3.26 -19.01 29.57
CA ALA B 86 -2.13 -18.10 29.64
C ALA B 86 -0.94 -18.62 28.83
N GLU B 87 -0.81 -19.94 28.72
CA GLU B 87 0.28 -20.54 27.98
C GLU B 87 0.12 -20.44 26.47
N ASP B 88 -0.93 -19.77 26.00
CA ASP B 88 -1.15 -19.59 24.57
C ASP B 88 -0.81 -18.18 24.09
N LEU B 89 -0.40 -17.30 24.99
CA LEU B 89 -0.03 -15.93 24.61
C LEU B 89 1.27 -15.98 23.80
N ALA B 90 1.16 -15.68 22.52
CA ALA B 90 2.28 -15.74 21.59
C ALA B 90 1.83 -15.12 20.27
N ASP B 91 2.64 -15.27 19.24
CA ASP B 91 2.22 -14.98 17.87
C ASP B 91 2.38 -16.24 17.02
N TYR B 92 1.49 -16.41 16.06
CA TYR B 92 1.38 -17.63 15.29
C TYR B 92 1.58 -17.35 13.81
N PHE B 93 2.33 -18.22 13.14
CA PHE B 93 2.66 -18.07 11.73
C PHE B 93 2.21 -19.29 10.96
N CYS B 94 1.68 -19.06 9.75
CA CYS B 94 1.42 -20.12 8.79
C CYS B 94 2.51 -20.09 7.72
N GLN B 95 2.99 -21.27 7.33
CA GLN B 95 4.11 -21.38 6.41
C GLN B 95 3.81 -22.45 5.38
N GLN B 96 3.94 -22.09 4.10
CA GLN B 96 3.76 -23.05 3.02
C GLN B 96 5.07 -23.80 2.77
N HIS B 97 4.98 -25.12 2.72
CA HIS B 97 6.13 -25.99 2.47
C HIS B 97 6.01 -26.66 1.10
N TYR B 98 5.46 -25.94 0.13
CA TYR B 98 5.14 -26.49 -1.18
C TYR B 98 6.07 -26.03 -2.29
N SER B 99 6.42 -24.76 -2.33
CA SER B 99 7.24 -24.20 -3.39
C SER B 99 8.45 -23.47 -2.81
N THR B 100 9.43 -23.21 -3.67
CA THR B 100 10.59 -22.42 -3.32
C THR B 100 10.50 -21.04 -3.95
N PRO B 101 10.80 -19.97 -3.19
CA PRO B 101 11.27 -20.03 -1.80
C PRO B 101 10.14 -20.24 -0.79
N LEU B 102 10.46 -20.84 0.35
CA LEU B 102 9.47 -21.05 1.39
C LEU B 102 9.10 -19.70 2.01
N THR B 103 7.80 -19.48 2.20
CA THR B 103 7.29 -18.20 2.67
C THR B 103 6.40 -18.40 3.88
N PHE B 104 6.44 -17.42 4.78
CA PHE B 104 5.64 -17.39 5.99
C PHE B 104 4.52 -16.37 5.84
N GLY B 105 3.66 -16.32 6.85
CA GLY B 105 2.68 -15.26 6.99
C GLY B 105 3.18 -14.20 7.94
N ALA B 106 2.58 -13.01 7.87
CA ALA B 106 3.02 -11.90 8.70
C ALA B 106 2.89 -12.20 10.19
N GLY B 107 2.01 -13.13 10.56
CA GLY B 107 1.85 -13.50 11.95
C GLY B 107 0.75 -12.75 12.66
N THR B 108 -0.07 -13.47 13.41
CA THR B 108 -1.13 -12.90 14.22
C THR B 108 -0.71 -12.95 15.68
N LYS B 109 -0.80 -11.80 16.36
CA LYS B 109 -0.39 -11.69 17.75
C LYS B 109 -1.60 -11.82 18.67
N LEU B 110 -1.44 -12.58 19.75
CA LEU B 110 -2.52 -12.85 20.69
C LEU B 110 -2.29 -12.05 21.96
N GLU B 111 -3.28 -11.24 22.33
CA GLU B 111 -3.25 -10.45 23.56
C GLU B 111 -4.42 -10.85 24.44
N LEU B 112 -4.54 -10.18 25.58
CA LEU B 112 -5.56 -10.48 26.57
C LEU B 112 -6.61 -9.38 26.58
N LYS B 113 -7.89 -9.77 26.56
CA LYS B 113 -8.97 -8.81 26.60
C LYS B 113 -8.99 -8.07 27.94
N ARG B 114 -9.49 -6.85 27.91
CA ARG B 114 -9.46 -5.99 29.09
C ARG B 114 -10.54 -4.92 28.95
N ALA B 115 -10.66 -4.09 29.98
CA ALA B 115 -11.54 -2.94 29.96
C ALA B 115 -10.75 -1.68 29.56
N ASP B 116 -11.47 -0.71 29.02
CA ASP B 116 -10.83 0.51 28.54
C ASP B 116 -10.28 1.33 29.69
N ALA B 117 -9.05 1.81 29.52
CA ALA B 117 -8.40 2.66 30.51
C ALA B 117 -7.77 3.84 29.80
N ALA B 118 -8.11 5.05 30.23
CA ALA B 118 -7.56 6.24 29.63
C ALA B 118 -6.07 6.37 29.97
N PRO B 119 -5.28 6.94 29.07
CA PRO B 119 -3.85 7.10 29.36
C PRO B 119 -3.60 8.19 30.38
N THR B 120 -2.50 8.03 31.12
CA THR B 120 -2.04 9.03 32.09
C THR B 120 -0.99 9.88 31.39
N VAL B 121 -1.39 11.07 30.96
CA VAL B 121 -0.52 11.94 30.16
C VAL B 121 0.18 12.92 31.09
N SER B 122 1.48 13.08 30.88
CA SER B 122 2.28 14.02 31.67
C SER B 122 3.44 14.51 30.82
N ILE B 123 3.55 15.82 30.64
CA ILE B 123 4.59 16.43 29.84
C ILE B 123 5.74 16.85 30.75
N PHE B 124 6.94 16.97 30.16
CA PHE B 124 8.13 17.36 30.91
C PHE B 124 8.93 18.35 30.08
N PRO B 125 9.33 19.47 30.65
CA PRO B 125 10.18 20.43 29.93
C PRO B 125 11.63 19.98 29.93
N PRO B 126 12.46 20.54 29.04
CA PRO B 126 13.87 20.15 29.01
C PRO B 126 14.58 20.49 30.32
N SER B 127 15.60 19.68 30.62
CA SER B 127 16.37 19.86 31.84
C SER B 127 17.33 21.05 31.69
N SER B 128 17.90 21.46 32.82
CA SER B 128 18.88 22.55 32.79
C SER B 128 20.19 22.10 32.15
N GLU B 129 20.71 20.95 32.58
CA GLU B 129 21.97 20.47 32.03
C GLU B 129 21.85 20.10 30.57
N GLN B 130 20.65 19.75 30.11
CA GLN B 130 20.46 19.46 28.70
C GLN B 130 20.65 20.70 27.84
N LEU B 131 20.31 21.88 28.37
CA LEU B 131 20.45 23.12 27.61
C LEU B 131 21.90 23.59 27.57
N THR B 132 22.60 23.49 28.70
CA THR B 132 24.01 23.90 28.72
C THR B 132 24.89 23.03 27.85
N SER B 133 24.49 21.78 27.60
CA SER B 133 25.24 20.86 26.75
C SER B 133 24.24 20.19 25.81
N GLY B 134 24.03 20.80 24.64
CA GLY B 134 23.12 20.27 23.65
C GLY B 134 21.96 21.22 23.41
N GLY B 135 20.82 20.64 23.04
CA GLY B 135 19.63 21.42 22.75
C GLY B 135 18.51 21.22 23.76
N ALA B 136 17.28 21.19 23.28
CA ALA B 136 16.10 21.07 24.14
C ALA B 136 15.21 19.95 23.61
N SER B 137 14.78 19.07 24.51
CA SER B 137 13.90 17.97 24.15
C SER B 137 12.75 17.91 25.14
N VAL B 138 11.53 18.00 24.64
CA VAL B 138 10.32 17.86 25.44
C VAL B 138 9.99 16.38 25.52
N VAL B 139 9.38 15.97 26.63
CA VAL B 139 9.04 14.56 26.86
C VAL B 139 7.57 14.47 27.23
N CYS B 140 6.85 13.54 26.61
CA CYS B 140 5.47 13.25 26.91
C CYS B 140 5.32 11.76 27.19
N PHE B 141 4.57 11.43 28.24
CA PHE B 141 4.36 10.05 28.64
C PHE B 141 2.87 9.72 28.64
N LEU B 142 2.55 8.51 28.18
CA LEU B 142 1.17 8.00 28.18
C LEU B 142 1.22 6.60 28.78
N ASN B 143 0.68 6.45 29.99
CA ASN B 143 0.91 5.26 30.80
C ASN B 143 -0.38 4.47 31.00
N ASN B 144 -0.30 3.16 30.74
CA ASN B 144 -1.30 2.19 31.18
C ASN B 144 -2.68 2.49 30.57
N PHE B 145 -2.76 2.35 29.25
CA PHE B 145 -4.02 2.48 28.55
C PHE B 145 -4.34 1.19 27.80
N TYR B 146 -5.63 0.97 27.57
CA TYR B 146 -6.11 -0.19 26.83
C TYR B 146 -7.25 0.28 25.94
N PRO B 147 -7.24 -0.09 24.65
CA PRO B 147 -6.22 -0.94 24.03
C PRO B 147 -5.00 -0.15 23.55
N LYS B 148 -4.13 -0.83 22.78
CA LYS B 148 -2.89 -0.20 22.33
C LYS B 148 -3.12 0.94 21.34
N ASP B 149 -4.28 0.96 20.69
CA ASP B 149 -4.55 1.96 19.66
C ASP B 149 -4.57 3.36 20.25
N ILE B 150 -3.60 4.19 19.85
CA ILE B 150 -3.45 5.54 20.40
C ILE B 150 -2.65 6.35 19.41
N ASN B 151 -2.86 7.66 19.42
CA ASN B 151 -2.11 8.59 18.57
C ASN B 151 -1.78 9.83 19.36
N VAL B 152 -0.59 10.38 19.12
CA VAL B 152 -0.10 11.56 19.83
C VAL B 152 0.10 12.67 18.81
N LYS B 153 -0.24 13.90 19.21
CA LYS B 153 -0.04 15.07 18.36
C LYS B 153 0.50 16.21 19.20
N TRP B 154 1.60 16.80 18.76
CA TRP B 154 2.17 17.95 19.42
C TRP B 154 1.63 19.24 18.80
N LYS B 155 1.95 20.36 19.44
CA LYS B 155 1.58 21.68 18.95
C LYS B 155 2.42 22.72 19.67
N ILE B 156 2.93 23.69 18.92
CA ILE B 156 3.84 24.70 19.46
C ILE B 156 3.16 26.05 19.25
N ASP B 157 2.30 26.42 20.20
CA ASP B 157 1.53 27.67 20.19
C ASP B 157 1.05 28.04 18.79
N GLY B 158 0.23 27.16 18.24
CA GLY B 158 -0.32 27.38 16.91
C GLY B 158 0.31 26.53 15.84
N SER B 159 1.64 26.52 15.79
CA SER B 159 2.35 25.72 14.80
C SER B 159 2.36 24.25 15.22
N GLU B 160 2.82 23.40 14.30
CA GLU B 160 2.88 21.97 14.53
C GLU B 160 3.77 21.34 13.46
N ARG B 161 4.54 20.33 13.84
CA ARG B 161 5.39 19.63 12.89
C ARG B 161 5.69 18.23 13.43
N GLN B 162 6.00 17.33 12.51
CA GLN B 162 6.41 15.97 12.85
C GLN B 162 7.92 15.80 12.89
N ASN B 163 8.67 16.85 12.58
CA ASN B 163 10.13 16.77 12.63
C ASN B 163 10.60 16.76 14.08
N GLY B 164 11.50 15.83 14.39
CA GLY B 164 11.96 15.67 15.75
C GLY B 164 10.98 14.99 16.67
N VAL B 165 10.03 14.25 16.13
CA VAL B 165 9.03 13.55 16.93
C VAL B 165 9.35 12.06 16.86
N LEU B 166 10.04 11.55 17.87
CA LEU B 166 10.35 10.13 17.98
C LEU B 166 9.49 9.55 19.09
N ASN B 167 8.71 8.52 18.77
CA ASN B 167 7.82 7.87 19.71
C ASN B 167 8.36 6.50 20.07
N SER B 168 7.72 5.88 21.05
CA SER B 168 8.13 4.56 21.53
C SER B 168 6.94 3.89 22.20
N TRP B 169 6.47 2.79 21.63
CA TRP B 169 5.37 2.03 22.20
C TRP B 169 5.92 0.80 22.93
N THR B 170 5.39 0.54 24.11
CA THR B 170 5.72 -0.68 24.84
C THR B 170 4.82 -1.81 24.37
N ASP B 171 5.13 -3.02 24.84
CA ASP B 171 4.27 -4.17 24.62
C ASP B 171 3.21 -4.22 25.73
N GLN B 172 2.32 -5.20 25.64
CA GLN B 172 1.32 -5.39 26.68
C GLN B 172 1.99 -5.84 27.97
N ASP B 173 1.55 -5.27 29.08
CA ASP B 173 2.15 -5.58 30.37
C ASP B 173 1.91 -7.04 30.75
N SER B 174 2.93 -7.66 31.35
CA SER B 174 2.82 -9.04 31.81
C SER B 174 2.19 -9.14 33.18
N LYS B 175 1.50 -8.09 33.63
CA LYS B 175 0.84 -8.08 34.93
C LYS B 175 -0.57 -7.52 34.80
N ASP B 176 -0.67 -6.22 34.47
CA ASP B 176 -1.97 -5.57 34.31
C ASP B 176 -2.42 -5.50 32.86
N SER B 177 -1.59 -5.98 31.92
CA SER B 177 -1.98 -6.12 30.51
C SER B 177 -2.36 -4.78 29.88
N THR B 178 -1.65 -3.73 30.25
CA THR B 178 -1.87 -2.40 29.71
C THR B 178 -0.75 -2.03 28.74
N TYR B 179 -0.93 -0.92 28.05
CA TYR B 179 0.04 -0.41 27.09
C TYR B 179 0.52 0.96 27.52
N SER B 180 1.76 1.27 27.18
CA SER B 180 2.36 2.57 27.48
C SER B 180 3.05 3.11 26.24
N MET B 181 3.38 4.40 26.28
CA MET B 181 3.94 5.07 25.12
C MET B 181 4.61 6.37 25.55
N SER B 182 5.70 6.71 24.88
CA SER B 182 6.44 7.94 25.13
C SER B 182 6.59 8.71 23.82
N SER B 183 6.84 10.00 23.95
CA SER B 183 7.03 10.87 22.80
C SER B 183 8.00 11.98 23.17
N THR B 184 8.95 12.26 22.28
CA THR B 184 9.98 13.26 22.51
C THR B 184 9.95 14.31 21.40
N LEU B 185 10.29 15.54 21.77
CA LEU B 185 10.36 16.68 20.85
C LEU B 185 11.79 17.20 20.85
N THR B 186 12.66 16.52 20.11
CA THR B 186 14.07 16.90 20.08
C THR B 186 14.25 18.15 19.24
N LEU B 187 14.61 19.24 19.89
CA LEU B 187 14.93 20.51 19.25
C LEU B 187 16.31 20.97 19.72
N THR B 188 16.70 22.15 19.25
CA THR B 188 17.92 22.78 19.73
C THR B 188 17.55 23.92 20.68
N LYS B 189 18.52 24.33 21.49
CA LYS B 189 18.29 25.40 22.44
C LYS B 189 17.98 26.71 21.75
N ASP B 190 18.44 26.88 20.51
CA ASP B 190 18.25 28.11 19.75
C ASP B 190 16.77 28.40 19.49
N GLU B 191 16.12 27.58 18.66
CA GLU B 191 14.73 27.82 18.31
C GLU B 191 13.76 27.42 19.41
N TYR B 192 14.25 27.02 20.58
CA TYR B 192 13.37 26.69 21.68
C TYR B 192 12.94 27.93 22.47
N GLU B 193 13.78 28.97 22.47
CA GLU B 193 13.54 30.17 23.26
C GLU B 193 12.61 31.16 22.59
N ARG B 194 12.17 30.90 21.36
CA ARG B 194 11.29 31.82 20.64
C ARG B 194 9.84 31.37 20.64
N HIS B 195 9.50 30.36 21.43
CA HIS B 195 8.12 29.90 21.53
C HIS B 195 7.73 29.78 23.00
N ASN B 196 6.42 29.86 23.24
CA ASN B 196 5.88 29.90 24.59
C ASN B 196 5.22 28.59 24.98
N SER B 197 4.11 28.23 24.35
CA SER B 197 3.29 27.10 24.77
C SER B 197 3.66 25.85 23.99
N TYR B 198 3.88 24.75 24.72
CA TYR B 198 4.17 23.46 24.14
C TYR B 198 3.20 22.46 24.75
N THR B 199 2.41 21.79 23.90
CA THR B 199 1.36 20.90 24.36
C THR B 199 1.49 19.53 23.71
N CYS B 200 0.93 18.53 24.40
CA CYS B 200 0.97 17.14 23.96
C CYS B 200 -0.44 16.56 24.08
N GLU B 201 -1.12 16.40 22.96
CA GLU B 201 -2.48 15.87 22.93
C GLU B 201 -2.47 14.37 22.66
N ALA B 202 -3.64 13.76 22.83
CA ALA B 202 -3.82 12.33 22.59
C ALA B 202 -5.16 12.14 21.89
N THR B 203 -5.55 10.87 21.72
CA THR B 203 -6.84 10.54 21.12
C THR B 203 -7.15 9.09 21.49
N HIS B 204 -7.96 8.90 22.53
CA HIS B 204 -8.31 7.57 23.01
C HIS B 204 -9.82 7.38 23.00
N LYS B 205 -10.22 6.11 22.91
CA LYS B 205 -11.63 5.74 22.87
C LYS B 205 -12.37 6.10 24.15
N THR B 206 -11.66 6.21 25.28
CA THR B 206 -12.30 6.44 26.56
C THR B 206 -13.01 7.80 26.59
N SER B 207 -12.33 8.84 26.15
CA SER B 207 -12.86 10.20 26.20
C SER B 207 -13.03 10.75 24.80
N THR B 208 -14.19 11.35 24.54
CA THR B 208 -14.39 12.03 23.26
C THR B 208 -13.49 13.26 23.16
N SER B 209 -13.24 13.94 24.27
CA SER B 209 -12.31 15.06 24.30
C SER B 209 -10.91 14.56 24.63
N PRO B 210 -9.90 14.97 23.86
CA PRO B 210 -8.55 14.45 24.10
C PRO B 210 -7.98 14.90 25.45
N ILE B 211 -6.93 14.20 25.86
CA ILE B 211 -6.20 14.54 27.07
C ILE B 211 -5.05 15.47 26.69
N VAL B 212 -5.10 16.70 27.20
CA VAL B 212 -4.17 17.75 26.80
C VAL B 212 -3.36 18.18 28.00
N LYS B 213 -2.04 18.23 27.83
CA LYS B 213 -1.12 18.70 28.86
C LYS B 213 -0.11 19.64 28.22
N SER B 214 -0.09 20.89 28.65
CA SER B 214 0.76 21.92 28.07
C SER B 214 1.58 22.60 29.15
N PHE B 215 2.50 23.47 28.72
CA PHE B 215 3.30 24.27 29.64
C PHE B 215 3.92 25.43 28.87
N ASN B 216 4.05 26.56 29.56
CA ASN B 216 4.68 27.75 28.99
C ASN B 216 6.15 27.77 29.35
N ARG B 217 6.99 28.12 28.37
CA ARG B 217 8.43 28.18 28.58
C ARG B 217 8.82 29.26 29.57
N VAL C 2 17.24 8.83 -18.43
CA VAL C 2 17.51 7.48 -17.97
C VAL C 2 16.51 6.50 -18.58
N GLN C 3 16.67 5.22 -18.30
CA GLN C 3 15.83 4.18 -18.86
C GLN C 3 15.18 3.39 -17.73
N LEU C 4 13.86 3.20 -17.82
CA LEU C 4 13.12 2.35 -16.91
C LEU C 4 12.20 1.46 -17.72
N GLN C 5 12.44 0.15 -17.66
CA GLN C 5 11.66 -0.83 -18.41
C GLN C 5 10.87 -1.68 -17.44
N GLN C 6 9.54 -1.60 -17.53
CA GLN C 6 8.65 -2.37 -16.68
C GLN C 6 8.22 -3.66 -17.39
N SER C 7 7.39 -4.44 -16.72
CA SER C 7 6.89 -5.69 -17.27
C SER C 7 5.64 -5.44 -18.12
N GLY C 8 5.21 -6.49 -18.82
CA GLY C 8 4.05 -6.42 -19.66
C GLY C 8 2.76 -6.44 -18.87
N ALA C 9 1.66 -6.63 -19.60
CA ALA C 9 0.34 -6.66 -18.97
C ALA C 9 0.21 -7.86 -18.05
N GLU C 10 -0.68 -7.73 -17.06
CA GLU C 10 -0.93 -8.78 -16.08
C GLU C 10 -2.42 -9.04 -15.99
N LEU C 11 -2.80 -10.32 -16.10
CA LEU C 11 -4.18 -10.76 -15.92
C LEU C 11 -4.17 -11.82 -14.83
N VAL C 12 -4.74 -11.49 -13.67
CA VAL C 12 -4.63 -12.31 -12.48
C VAL C 12 -6.00 -12.49 -11.86
N ARG C 13 -6.13 -13.58 -11.04
CA ARG C 13 -7.31 -14.00 -10.30
C ARG C 13 -7.39 -13.30 -8.95
N PRO C 14 -8.60 -13.06 -8.45
CA PRO C 14 -8.74 -12.49 -7.10
C PRO C 14 -8.19 -13.43 -6.05
N GLY C 15 -7.43 -12.88 -5.11
CA GLY C 15 -6.80 -13.67 -4.08
C GLY C 15 -5.40 -14.13 -4.39
N THR C 16 -4.97 -14.03 -5.64
CA THR C 16 -3.62 -14.40 -6.03
C THR C 16 -2.69 -13.21 -5.81
N SER C 17 -1.51 -13.23 -6.42
CA SER C 17 -0.56 -12.14 -6.30
C SER C 17 0.17 -11.97 -7.63
N VAL C 18 0.88 -10.84 -7.74
CA VAL C 18 1.64 -10.51 -8.94
C VAL C 18 2.76 -9.56 -8.55
N LYS C 19 3.97 -9.82 -9.04
CA LYS C 19 5.16 -9.02 -8.71
C LYS C 19 5.67 -8.35 -9.98
N MET C 20 5.45 -7.05 -10.09
CA MET C 20 5.91 -6.29 -11.24
C MET C 20 7.39 -5.91 -11.09
N SER C 21 8.05 -5.78 -12.24
CA SER C 21 9.48 -5.47 -12.30
C SER C 21 9.70 -4.06 -12.83
N CYS C 22 10.88 -3.51 -12.51
CA CYS C 22 11.25 -2.17 -12.96
C CYS C 22 12.76 -2.18 -13.23
N LYS C 23 13.12 -2.61 -14.44
CA LYS C 23 14.52 -2.59 -14.87
C LYS C 23 15.00 -1.16 -15.04
N ALA C 24 16.12 -0.83 -14.40
CA ALA C 24 16.70 0.50 -14.47
C ALA C 24 18.03 0.46 -15.20
N ALA C 25 18.41 1.62 -15.75
CA ALA C 25 19.66 1.76 -16.49
C ALA C 25 19.96 3.24 -16.66
N GLY C 26 21.24 3.58 -16.69
CA GLY C 26 21.68 4.93 -16.95
C GLY C 26 21.99 5.76 -15.72
N TYR C 27 22.03 5.17 -14.54
CA TYR C 27 22.32 5.92 -13.32
C TYR C 27 22.73 4.95 -12.23
N THR C 28 23.24 5.52 -11.13
CA THR C 28 23.63 4.73 -9.97
C THR C 28 22.38 4.25 -9.25
N PHE C 29 22.10 2.94 -9.34
CA PHE C 29 20.88 2.39 -8.78
C PHE C 29 20.80 2.60 -7.28
N THR C 30 21.93 2.70 -6.60
CA THR C 30 21.96 2.76 -5.15
C THR C 30 21.62 4.14 -4.60
N ASN C 31 21.94 5.20 -5.35
CA ASN C 31 21.89 6.56 -4.83
C ASN C 31 20.60 7.29 -5.21
N TYR C 32 19.51 6.55 -5.45
CA TYR C 32 18.25 7.18 -5.82
C TYR C 32 17.10 6.36 -5.27
N TRP C 33 16.05 7.06 -4.84
CA TRP C 33 14.82 6.41 -4.40
C TRP C 33 13.99 6.02 -5.62
N ILE C 34 13.29 4.89 -5.51
CA ILE C 34 12.43 4.39 -6.58
C ILE C 34 11.02 4.27 -6.04
N GLY C 35 10.10 5.05 -6.60
CA GLY C 35 8.72 5.06 -6.15
C GLY C 35 7.77 4.35 -7.08
N TRP C 36 6.60 3.96 -6.57
CA TRP C 36 5.60 3.24 -7.34
C TRP C 36 4.27 3.97 -7.26
N ILE C 37 3.63 4.16 -8.41
CA ILE C 37 2.39 4.92 -8.53
C ILE C 37 1.30 4.02 -9.09
N LYS C 38 0.07 4.27 -8.66
CA LYS C 38 -1.11 3.56 -9.14
C LYS C 38 -2.07 4.55 -9.77
N GLN C 39 -2.56 4.23 -10.96
CA GLN C 39 -3.46 5.10 -11.70
C GLN C 39 -4.67 4.31 -12.17
N ARG C 40 -5.85 4.63 -11.62
CA ARG C 40 -7.12 4.09 -12.08
C ARG C 40 -7.87 5.11 -12.92
N PRO C 41 -8.66 4.66 -13.89
CA PRO C 41 -9.47 5.60 -14.68
C PRO C 41 -10.51 6.29 -13.81
N GLY C 42 -10.52 7.61 -13.86
CA GLY C 42 -11.41 8.40 -13.02
C GLY C 42 -10.70 9.04 -11.86
N HIS C 43 -9.84 8.28 -11.18
CA HIS C 43 -9.08 8.78 -10.05
C HIS C 43 -7.77 9.42 -10.52
N GLY C 44 -7.15 10.15 -9.60
CA GLY C 44 -5.87 10.78 -9.91
C GLY C 44 -4.73 9.80 -9.90
N LEU C 45 -3.73 10.05 -9.05
CA LEU C 45 -2.58 9.19 -8.92
C LEU C 45 -2.26 9.00 -7.45
N GLU C 46 -2.02 7.75 -7.05
CA GLU C 46 -1.77 7.41 -5.65
C GLU C 46 -0.36 6.86 -5.52
N TRP C 47 0.45 7.53 -4.72
CA TRP C 47 1.82 7.10 -4.48
C TRP C 47 1.80 5.90 -3.53
N ILE C 48 2.14 4.72 -4.04
CA ILE C 48 2.12 3.52 -3.23
C ILE C 48 3.22 3.57 -2.18
N GLY C 49 4.45 3.79 -2.62
CA GLY C 49 5.58 3.85 -1.71
C GLY C 49 6.86 4.04 -2.47
N ASP C 50 7.99 3.84 -1.77
CA ASP C 50 9.29 3.91 -2.41
C ASP C 50 10.29 3.11 -1.58
N ILE C 51 11.41 2.77 -2.22
CA ILE C 51 12.51 2.08 -1.58
C ILE C 51 13.81 2.77 -1.96
N TYR C 52 14.80 2.70 -1.06
CA TYR C 52 16.12 3.30 -1.27
C TYR C 52 17.16 2.20 -1.40
N PRO C 53 17.45 1.72 -2.61
CA PRO C 53 18.46 0.67 -2.83
C PRO C 53 19.88 1.21 -2.75
N TYR C 57 14.61 1.13 4.71
CA TYR C 57 14.66 2.21 3.74
C TYR C 57 13.46 2.16 2.80
N THR C 58 12.32 1.73 3.31
CA THR C 58 11.11 1.57 2.52
C THR C 58 9.99 2.39 3.17
N ASN C 59 9.54 3.43 2.49
CA ASN C 59 8.43 4.25 2.94
C ASN C 59 7.17 3.80 2.22
N TYR C 60 6.14 3.44 2.98
CA TYR C 60 4.87 3.00 2.43
C TYR C 60 3.80 4.05 2.65
N ASN C 61 2.78 3.99 1.81
CA ASN C 61 1.55 4.71 2.08
C ASN C 61 0.67 3.90 3.03
N GLU C 62 -0.06 4.60 3.89
CA GLU C 62 -0.92 3.92 4.86
C GLU C 62 -1.92 3.00 4.19
N LYS C 63 -2.32 3.32 2.95
CA LYS C 63 -3.33 2.52 2.26
C LYS C 63 -2.76 1.23 1.69
N PHE C 64 -1.49 1.22 1.28
CA PHE C 64 -0.92 0.10 0.55
C PHE C 64 0.09 -0.68 1.38
N LYS C 65 0.07 -0.53 2.71
CA LYS C 65 1.04 -1.23 3.54
C LYS C 65 0.76 -2.73 3.59
N VAL C 66 -0.51 -3.11 3.83
CA VAL C 66 -0.88 -4.52 3.90
C VAL C 66 -1.07 -5.15 2.53
N LYS C 67 -0.80 -4.41 1.46
CA LYS C 67 -1.04 -4.88 0.10
C LYS C 67 0.21 -4.96 -0.75
N ALA C 68 1.19 -4.09 -0.55
CA ALA C 68 2.38 -4.02 -1.39
C ALA C 68 3.62 -4.34 -0.58
N THR C 69 4.59 -4.97 -1.25
CA THR C 69 5.91 -5.24 -0.70
C THR C 69 6.96 -4.76 -1.68
N LEU C 70 7.89 -3.92 -1.20
CA LEU C 70 8.89 -3.29 -2.05
C LEU C 70 10.23 -3.96 -1.84
N THR C 71 10.84 -4.45 -2.93
CA THR C 71 12.15 -5.07 -2.91
C THR C 71 12.98 -4.54 -4.06
N ALA C 72 14.29 -4.44 -3.83
CA ALA C 72 15.22 -3.92 -4.81
C ALA C 72 16.31 -4.96 -5.09
N ASP C 73 16.56 -5.23 -6.37
CA ASP C 73 17.62 -6.14 -6.78
C ASP C 73 18.80 -5.31 -7.26
N THR C 74 19.63 -4.87 -6.30
CA THR C 74 20.81 -4.09 -6.64
C THR C 74 21.79 -4.89 -7.47
N SER C 75 21.86 -6.21 -7.26
CA SER C 75 22.75 -7.04 -8.05
C SER C 75 22.29 -7.16 -9.50
N SER C 76 21.01 -6.89 -9.78
CA SER C 76 20.47 -6.96 -11.13
C SER C 76 19.86 -5.64 -11.59
N VAL C 77 20.07 -4.55 -10.86
CA VAL C 77 19.58 -3.23 -11.23
C VAL C 77 18.09 -3.29 -11.49
N THR C 78 17.37 -4.00 -10.62
CA THR C 78 15.94 -4.26 -10.81
C THR C 78 15.19 -3.95 -9.53
N ALA C 79 14.04 -3.31 -9.66
CA ALA C 79 13.14 -3.04 -8.55
C ALA C 79 11.84 -3.82 -8.73
N TYR C 80 11.34 -4.41 -7.65
CA TYR C 80 10.16 -5.24 -7.68
C TYR C 80 9.07 -4.65 -6.79
N MET C 81 7.82 -4.95 -7.13
CA MET C 81 6.67 -4.51 -6.35
C MET C 81 5.56 -5.52 -6.54
N GLN C 82 5.25 -6.28 -5.49
CA GLN C 82 4.22 -7.31 -5.56
C GLN C 82 2.99 -6.88 -4.79
N LEU C 83 1.82 -7.29 -5.29
CA LEU C 83 0.54 -6.99 -4.67
C LEU C 83 -0.10 -8.29 -4.25
N SER C 84 -0.41 -8.41 -2.97
CA SER C 84 -1.03 -9.61 -2.40
C SER C 84 -2.52 -9.39 -2.20
N SER C 85 -3.25 -10.50 -2.14
CA SER C 85 -4.70 -10.49 -1.91
C SER C 85 -5.40 -9.59 -2.92
N LEU C 86 -5.27 -9.96 -4.19
CA LEU C 86 -5.73 -9.11 -5.28
C LEU C 86 -7.26 -9.05 -5.33
N THR C 87 -7.78 -7.87 -5.66
CA THR C 87 -9.20 -7.67 -5.90
C THR C 87 -9.37 -6.78 -7.11
N SER C 88 -10.62 -6.61 -7.55
CA SER C 88 -10.89 -5.80 -8.73
C SER C 88 -10.40 -4.36 -8.56
N GLU C 89 -10.39 -3.86 -7.33
CA GLU C 89 -9.93 -2.51 -7.05
C GLU C 89 -8.42 -2.35 -7.20
N ASP C 90 -7.70 -3.44 -7.44
CA ASP C 90 -6.29 -3.38 -7.77
C ASP C 90 -6.04 -3.31 -9.27
N SER C 91 -7.10 -3.39 -10.08
CA SER C 91 -6.97 -3.27 -11.52
C SER C 91 -6.64 -1.82 -11.88
N ALA C 92 -5.41 -1.58 -12.30
CA ALA C 92 -4.95 -0.24 -12.66
C ALA C 92 -3.63 -0.38 -13.40
N ILE C 93 -3.08 0.76 -13.79
CA ILE C 93 -1.73 0.83 -14.36
C ILE C 93 -0.78 1.26 -13.24
N TYR C 94 0.37 0.61 -13.16
CA TYR C 94 1.34 0.87 -12.12
C TYR C 94 2.64 1.33 -12.77
N TYR C 95 3.12 2.50 -12.37
CA TYR C 95 4.38 3.06 -12.85
C TYR C 95 5.44 2.97 -11.76
N CYS C 96 6.69 2.84 -12.19
CA CYS C 96 7.84 3.01 -11.30
C CYS C 96 8.59 4.27 -11.72
N THR C 97 9.09 5.00 -10.73
CA THR C 97 9.69 6.31 -10.97
C THR C 97 10.97 6.45 -10.17
N ARG C 98 11.73 7.49 -10.50
CA ARG C 98 12.91 7.90 -9.74
C ARG C 98 12.61 9.24 -9.09
N GLU C 99 12.63 9.28 -7.76
CA GLU C 99 12.32 10.49 -7.02
C GLU C 99 13.58 11.35 -6.85
N GLY C 100 13.38 12.67 -6.88
CA GLY C 100 14.50 13.58 -6.80
C GLY C 100 14.27 14.79 -5.91
N ASN C 101 13.67 14.57 -4.74
CA ASN C 101 13.46 15.59 -3.70
C ASN C 101 12.56 16.72 -4.16
N TYR C 102 12.00 16.65 -5.36
CA TYR C 102 10.99 17.60 -5.81
C TYR C 102 9.69 16.94 -6.24
N GLY C 103 9.73 15.68 -6.66
CA GLY C 103 8.55 14.98 -7.14
C GLY C 103 8.89 13.63 -7.73
N PHE C 104 8.79 13.51 -9.04
CA PHE C 104 9.08 12.26 -9.74
C PHE C 104 9.75 12.60 -11.06
N ALA C 105 11.05 12.30 -11.16
CA ALA C 105 11.84 12.77 -12.28
C ALA C 105 11.57 11.97 -13.55
N TYR C 106 11.82 10.66 -13.52
CA TYR C 106 11.69 9.81 -14.70
C TYR C 106 10.65 8.72 -14.43
N TRP C 107 9.91 8.36 -15.48
CA TRP C 107 8.81 7.42 -15.36
C TRP C 107 9.01 6.24 -16.31
N GLY C 108 8.46 5.09 -15.88
CA GLY C 108 8.37 3.94 -16.78
C GLY C 108 7.10 4.00 -17.61
N GLN C 109 7.01 3.08 -18.57
CA GLN C 109 5.85 3.07 -19.47
C GLN C 109 4.57 2.64 -18.78
N GLY C 110 4.66 1.95 -17.65
CA GLY C 110 3.49 1.51 -16.92
C GLY C 110 3.14 0.06 -17.17
N THR C 111 2.72 -0.63 -16.11
CA THR C 111 2.29 -2.03 -16.20
C THR C 111 0.81 -2.10 -15.89
N LEU C 112 0.02 -2.61 -16.84
CA LEU C 112 -1.42 -2.72 -16.68
C LEU C 112 -1.75 -4.06 -16.02
N VAL C 113 -2.48 -4.00 -14.90
CA VAL C 113 -2.88 -5.18 -14.16
C VAL C 113 -4.40 -5.23 -14.16
N THR C 114 -4.96 -6.38 -14.50
CA THR C 114 -6.40 -6.62 -14.48
C THR C 114 -6.69 -7.82 -13.58
N VAL C 115 -7.53 -7.62 -12.58
CA VAL C 115 -7.91 -8.67 -11.64
C VAL C 115 -9.34 -9.09 -11.94
N SER C 116 -9.53 -10.35 -12.27
CA SER C 116 -10.86 -10.87 -12.62
C SER C 116 -10.89 -12.36 -12.39
N ALA C 117 -12.10 -12.88 -12.13
CA ALA C 117 -12.32 -14.30 -11.93
C ALA C 117 -13.02 -14.97 -13.09
N ALA C 118 -13.33 -14.22 -14.15
CA ALA C 118 -14.05 -14.78 -15.29
C ALA C 118 -13.12 -15.63 -16.15
N LYS C 119 -13.74 -16.45 -16.99
CA LYS C 119 -13.02 -17.31 -17.93
C LYS C 119 -13.10 -16.71 -19.33
N THR C 120 -12.16 -17.13 -20.18
CA THR C 120 -12.13 -16.65 -21.56
C THR C 120 -13.40 -17.07 -22.29
N THR C 121 -14.02 -16.12 -22.97
CA THR C 121 -15.27 -16.34 -23.69
C THR C 121 -15.25 -15.53 -24.97
N PRO C 122 -15.79 -16.07 -26.06
CA PRO C 122 -16.02 -15.26 -27.26
C PRO C 122 -17.34 -14.50 -27.14
N PRO C 123 -17.57 -13.50 -27.99
CA PRO C 123 -18.83 -12.74 -27.91
C PRO C 123 -19.91 -13.18 -28.89
N SER C 124 -19.49 -13.77 -30.01
CA SER C 124 -20.37 -14.23 -31.08
C SER C 124 -21.06 -13.09 -31.82
N VAL C 125 -21.05 -11.90 -31.24
CA VAL C 125 -21.56 -10.64 -31.81
C VAL C 125 -23.04 -10.73 -32.20
N TYR C 126 -23.63 -9.58 -32.53
CA TYR C 126 -25.03 -9.48 -32.89
C TYR C 126 -25.17 -8.34 -33.89
N PRO C 127 -25.93 -8.53 -34.97
CA PRO C 127 -26.18 -7.43 -35.91
C PRO C 127 -27.36 -6.59 -35.48
N LEU C 128 -27.23 -5.27 -35.64
CA LEU C 128 -28.23 -4.31 -35.21
C LEU C 128 -28.72 -3.53 -36.43
N ALA C 129 -29.94 -3.85 -36.87
CA ALA C 129 -30.56 -3.16 -37.99
C ALA C 129 -31.77 -2.37 -37.52
N PRO C 130 -32.02 -1.19 -38.09
CA PRO C 130 -33.19 -0.40 -37.68
C PRO C 130 -34.48 -1.02 -38.18
N GLY C 131 -35.59 -0.56 -37.61
CA GLY C 131 -36.91 -1.03 -37.97
C GLY C 131 -37.78 0.03 -38.61
N SER C 138 -31.70 10.44 -45.04
CA SER C 138 -30.27 10.24 -45.28
C SER C 138 -29.54 9.89 -44.00
N MET C 139 -28.37 9.27 -44.15
CA MET C 139 -27.48 8.94 -43.04
C MET C 139 -28.13 7.92 -42.10
N VAL C 140 -28.43 6.74 -42.65
CA VAL C 140 -28.96 5.65 -41.85
C VAL C 140 -27.83 5.04 -41.03
N THR C 141 -28.08 4.82 -39.75
CA THR C 141 -27.08 4.29 -38.82
C THR C 141 -27.32 2.82 -38.57
N LEU C 142 -26.23 2.05 -38.55
CA LEU C 142 -26.27 0.62 -38.24
C LEU C 142 -25.24 0.31 -37.17
N GLY C 143 -25.29 -0.90 -36.63
CA GLY C 143 -24.36 -1.26 -35.58
C GLY C 143 -24.28 -2.76 -35.36
N CYS C 144 -23.35 -3.14 -34.49
CA CYS C 144 -23.23 -4.52 -34.04
C CYS C 144 -22.86 -4.56 -32.57
N LEU C 145 -23.51 -5.45 -31.83
CA LEU C 145 -23.35 -5.56 -30.39
C LEU C 145 -22.40 -6.70 -30.06
N VAL C 146 -21.43 -6.42 -29.19
CA VAL C 146 -20.41 -7.38 -28.79
C VAL C 146 -20.64 -7.67 -27.32
N LYS C 147 -21.09 -8.90 -27.00
CA LYS C 147 -21.60 -9.23 -25.68
C LYS C 147 -20.76 -10.35 -25.07
N GLY C 148 -20.23 -10.11 -23.86
CA GLY C 148 -19.47 -11.11 -23.13
C GLY C 148 -17.97 -10.96 -23.28
N TYR C 149 -17.41 -11.69 -24.25
CA TYR C 149 -16.01 -11.66 -24.66
C TYR C 149 -15.00 -11.34 -23.56
N PHE C 150 -14.88 -12.19 -22.55
CA PHE C 150 -13.73 -12.05 -21.66
C PHE C 150 -12.50 -12.67 -22.31
N PRO C 151 -11.34 -11.98 -22.30
CA PRO C 151 -11.09 -10.66 -21.71
C PRO C 151 -11.28 -9.50 -22.70
N GLU C 152 -11.01 -8.29 -22.21
CA GLU C 152 -11.42 -7.08 -22.92
C GLU C 152 -10.86 -6.91 -24.34
N PRO C 153 -9.57 -7.20 -24.63
CA PRO C 153 -9.04 -6.90 -25.98
C PRO C 153 -9.86 -7.46 -27.13
N VAL C 154 -10.60 -6.58 -27.79
CA VAL C 154 -11.40 -6.93 -28.97
C VAL C 154 -11.35 -5.78 -29.95
N THR C 155 -11.35 -6.11 -31.24
CA THR C 155 -11.32 -5.12 -32.31
C THR C 155 -12.53 -5.30 -33.21
N VAL C 156 -13.05 -4.18 -33.72
CA VAL C 156 -14.25 -4.18 -34.56
C VAL C 156 -13.96 -3.33 -35.80
N THR C 157 -14.06 -3.95 -36.98
CA THR C 157 -13.98 -3.25 -38.25
C THR C 157 -15.28 -3.45 -39.02
N TRP C 158 -15.39 -2.78 -40.16
CA TRP C 158 -16.59 -2.85 -40.98
C TRP C 158 -16.20 -3.04 -42.44
N ASN C 159 -16.86 -3.99 -43.10
CA ASN C 159 -16.56 -4.34 -44.49
C ASN C 159 -15.09 -4.68 -44.67
N SER C 160 -14.51 -5.33 -43.67
CA SER C 160 -13.10 -5.73 -43.67
C SER C 160 -12.18 -4.53 -43.89
N GLY C 161 -12.46 -3.45 -43.15
CA GLY C 161 -11.64 -2.26 -43.22
C GLY C 161 -11.85 -1.39 -44.44
N SER C 162 -12.84 -1.69 -45.27
CA SER C 162 -13.15 -0.88 -46.43
C SER C 162 -14.11 0.26 -46.12
N LEU C 163 -14.62 0.33 -44.90
CA LEU C 163 -15.54 1.40 -44.48
C LEU C 163 -14.97 1.99 -43.19
N SER C 164 -14.27 3.11 -43.32
CA SER C 164 -13.61 3.74 -42.17
C SER C 164 -14.23 5.09 -41.79
N SER C 165 -15.10 5.65 -42.61
CA SER C 165 -15.74 6.92 -42.32
C SER C 165 -17.01 6.70 -41.50
N GLY C 166 -17.26 7.61 -40.56
CA GLY C 166 -18.47 7.54 -39.75
C GLY C 166 -18.59 6.28 -38.92
N VAL C 167 -17.50 5.83 -38.31
CA VAL C 167 -17.48 4.63 -37.49
C VAL C 167 -17.20 5.03 -36.06
N HIS C 168 -17.98 4.49 -35.13
CA HIS C 168 -17.83 4.76 -33.70
C HIS C 168 -17.81 3.43 -32.95
N THR C 169 -16.72 3.17 -32.24
CA THR C 169 -16.59 2.00 -31.38
C THR C 169 -16.44 2.49 -29.94
N PHE C 170 -17.39 2.16 -29.12
CA PHE C 170 -17.45 2.66 -27.76
C PHE C 170 -16.63 1.80 -26.80
N PRO C 171 -16.13 2.39 -25.72
CA PRO C 171 -15.33 1.61 -24.76
C PRO C 171 -16.15 0.49 -24.13
N ALA C 172 -15.45 -0.59 -23.77
CA ALA C 172 -16.12 -1.74 -23.18
C ALA C 172 -16.56 -1.44 -21.75
N VAL C 173 -17.71 -1.98 -21.38
CA VAL C 173 -18.27 -1.82 -20.04
C VAL C 173 -18.53 -3.20 -19.46
N LEU C 174 -18.16 -3.40 -18.20
CA LEU C 174 -18.32 -4.67 -17.52
C LEU C 174 -19.80 -4.93 -17.26
N GLN C 175 -20.45 -5.68 -18.14
CA GLN C 175 -21.80 -6.16 -17.90
C GLN C 175 -21.71 -7.32 -16.92
N SER C 176 -21.99 -7.04 -15.65
CA SER C 176 -21.75 -7.97 -14.55
C SER C 176 -20.27 -8.35 -14.51
N ASP C 177 -19.95 -9.59 -14.89
CA ASP C 177 -18.57 -10.06 -14.89
C ASP C 177 -17.91 -10.07 -16.25
N LEU C 178 -18.70 -9.97 -17.33
CA LEU C 178 -18.17 -9.94 -18.69
C LEU C 178 -18.32 -8.54 -19.26
N TYR C 179 -17.64 -8.31 -20.38
CA TYR C 179 -17.67 -7.02 -21.04
C TYR C 179 -18.75 -6.98 -22.12
N THR C 180 -19.13 -5.76 -22.50
CA THR C 180 -20.11 -5.57 -23.57
C THR C 180 -19.87 -4.19 -24.17
N LEU C 181 -19.65 -4.14 -25.49
CA LEU C 181 -19.53 -2.89 -26.21
C LEU C 181 -20.41 -2.94 -27.45
N SER C 182 -20.46 -1.82 -28.17
CA SER C 182 -21.24 -1.74 -29.40
C SER C 182 -20.53 -0.79 -30.36
N SER C 183 -20.46 -1.20 -31.62
CA SER C 183 -19.92 -0.36 -32.68
C SER C 183 -21.05 0.12 -33.56
N SER C 184 -20.84 1.27 -34.20
CA SER C 184 -21.86 1.87 -35.05
C SER C 184 -21.21 2.48 -36.28
N VAL C 185 -21.95 2.44 -37.39
CA VAL C 185 -21.59 3.15 -38.62
C VAL C 185 -22.82 3.87 -39.15
N THR C 186 -22.59 5.04 -39.72
CA THR C 186 -23.63 5.78 -40.43
C THR C 186 -23.24 5.86 -41.90
N VAL C 187 -24.17 5.48 -42.77
CA VAL C 187 -23.94 5.51 -44.21
C VAL C 187 -25.08 6.31 -44.84
N PRO C 188 -24.84 7.03 -45.93
CA PRO C 188 -25.92 7.80 -46.54
C PRO C 188 -27.00 6.90 -47.11
N SER C 189 -28.24 7.39 -47.04
CA SER C 189 -29.36 6.73 -47.72
C SER C 189 -29.14 6.73 -49.23
N SER C 190 -28.59 5.62 -49.71
CA SER C 190 -28.26 5.39 -51.12
C SER C 190 -27.49 4.08 -51.21
N THR C 191 -26.73 3.77 -50.16
CA THR C 191 -25.87 2.60 -50.13
C THR C 191 -26.43 1.48 -49.26
N TRP C 192 -27.23 1.81 -48.24
CA TRP C 192 -27.89 0.82 -47.41
C TRP C 192 -29.39 0.90 -47.62
N PRO C 193 -30.07 -0.24 -47.86
CA PRO C 193 -29.46 -1.57 -47.95
C PRO C 193 -29.06 -1.94 -49.38
N SER C 194 -28.66 -0.93 -50.17
CA SER C 194 -28.29 -1.18 -51.55
C SER C 194 -27.04 -2.06 -51.63
N GLU C 195 -26.02 -1.74 -50.85
CA GLU C 195 -24.77 -2.48 -50.85
C GLU C 195 -24.78 -3.50 -49.70
N THR C 196 -23.59 -3.93 -49.28
CA THR C 196 -23.42 -4.92 -48.23
C THR C 196 -22.65 -4.31 -47.07
N VAL C 197 -23.19 -4.49 -45.86
CA VAL C 197 -22.56 -3.99 -44.63
C VAL C 197 -22.30 -5.18 -43.73
N THR C 198 -21.05 -5.30 -43.25
CA THR C 198 -20.64 -6.43 -42.43
C THR C 198 -19.75 -5.93 -41.31
N CYS C 199 -20.04 -6.37 -40.09
CA CYS C 199 -19.28 -6.01 -38.90
C CYS C 199 -18.32 -7.15 -38.58
N ASN C 200 -17.03 -6.89 -38.70
CA ASN C 200 -15.99 -7.88 -38.41
C ASN C 200 -15.49 -7.68 -36.99
N VAL C 201 -15.50 -8.74 -36.20
CA VAL C 201 -15.12 -8.69 -34.80
C VAL C 201 -14.02 -9.73 -34.56
N ALA C 202 -12.89 -9.27 -34.03
CA ALA C 202 -11.73 -10.11 -33.77
C ALA C 202 -11.45 -10.15 -32.27
N HIS C 203 -11.28 -11.36 -31.74
CA HIS C 203 -10.93 -11.57 -30.34
C HIS C 203 -9.78 -12.55 -30.29
N PRO C 204 -8.53 -12.08 -30.45
CA PRO C 204 -7.40 -13.02 -30.49
C PRO C 204 -7.19 -13.78 -29.19
N ALA C 205 -7.64 -13.24 -28.06
CA ALA C 205 -7.56 -13.97 -26.81
C ALA C 205 -8.43 -15.22 -26.85
N SER C 206 -9.62 -15.12 -27.44
CA SER C 206 -10.46 -16.28 -27.69
C SER C 206 -10.20 -16.92 -29.04
N SER C 207 -9.29 -16.35 -29.83
CA SER C 207 -9.00 -16.80 -31.19
C SER C 207 -10.27 -16.82 -32.03
N THR C 208 -11.01 -15.71 -31.97
CA THR C 208 -12.30 -15.58 -32.61
C THR C 208 -12.24 -14.53 -33.71
N LYS C 209 -12.88 -14.84 -34.84
CA LYS C 209 -12.99 -13.90 -35.96
C LYS C 209 -14.36 -14.13 -36.60
N VAL C 210 -15.31 -13.25 -36.28
CA VAL C 210 -16.69 -13.39 -36.74
C VAL C 210 -17.05 -12.19 -37.58
N ASP C 211 -17.49 -12.43 -38.80
CA ASP C 211 -17.98 -11.40 -39.71
C ASP C 211 -19.48 -11.65 -39.92
N LYS C 212 -20.31 -10.88 -39.23
CA LYS C 212 -21.75 -11.02 -39.30
C LYS C 212 -22.34 -9.86 -40.10
N LYS C 213 -23.34 -10.19 -40.92
CA LYS C 213 -23.95 -9.25 -41.85
C LYS C 213 -25.19 -8.61 -41.24
N ILE C 214 -25.57 -7.46 -41.79
CA ILE C 214 -26.74 -6.71 -41.35
C ILE C 214 -27.77 -6.71 -42.47
N VAL C 215 -28.98 -7.13 -42.15
CA VAL C 215 -30.09 -7.14 -43.11
C VAL C 215 -31.32 -6.50 -42.45
N PRO C 216 -32.17 -5.82 -43.21
CA PRO C 216 -33.37 -5.22 -42.59
C PRO C 216 -34.41 -6.27 -42.25
N ARG C 217 -35.41 -5.84 -41.50
CA ARG C 217 -36.48 -6.74 -41.08
C ARG C 217 -37.84 -6.20 -41.51
N ASP D 1 0.01 14.02 4.95
CA ASP D 1 -1.22 13.74 4.23
C ASP D 1 -1.89 15.03 3.75
N ILE D 2 -1.33 15.62 2.70
CA ILE D 2 -1.85 16.86 2.13
C ILE D 2 -2.82 16.52 1.01
N VAL D 3 -3.99 17.13 1.03
CA VAL D 3 -5.00 16.95 -0.01
C VAL D 3 -4.87 18.07 -1.03
N MET D 4 -4.76 17.69 -2.30
CA MET D 4 -4.56 18.64 -3.39
C MET D 4 -5.87 18.79 -4.17
N THR D 5 -6.40 20.00 -4.20
CA THR D 5 -7.65 20.30 -4.90
C THR D 5 -7.33 21.05 -6.19
N GLN D 6 -7.67 20.44 -7.32
CA GLN D 6 -7.46 21.03 -8.63
C GLN D 6 -8.76 21.61 -9.18
N SER D 7 -8.63 22.70 -9.93
CA SER D 7 -9.76 23.34 -10.56
C SER D 7 -9.30 23.92 -11.89
N PRO D 8 -10.06 23.74 -12.98
CA PRO D 8 -11.28 22.92 -12.99
C PRO D 8 -10.98 21.46 -13.33
N SER D 9 -12.00 20.59 -13.24
CA SER D 9 -11.81 19.20 -13.64
C SER D 9 -11.52 19.09 -15.13
N SER D 10 -12.02 20.04 -15.92
CA SER D 10 -11.74 20.10 -17.34
C SER D 10 -12.09 21.49 -17.83
N LEU D 11 -11.58 21.84 -19.01
CA LEU D 11 -11.88 23.13 -19.61
C LEU D 11 -11.57 23.08 -21.10
N ALA D 12 -12.44 23.69 -21.89
CA ALA D 12 -12.28 23.73 -23.35
C ALA D 12 -11.47 24.96 -23.75
N MET D 13 -10.53 24.75 -24.66
CA MET D 13 -9.64 25.81 -25.10
C MET D 13 -9.59 25.87 -26.61
N SER D 14 -9.17 27.03 -27.13
CA SER D 14 -8.94 27.25 -28.54
C SER D 14 -7.44 27.38 -28.80
N VAL D 15 -7.05 27.21 -30.05
CA VAL D 15 -5.64 27.33 -30.42
C VAL D 15 -5.21 28.78 -30.25
N GLY D 16 -4.05 28.97 -29.61
CA GLY D 16 -3.55 30.30 -29.32
C GLY D 16 -4.12 30.93 -28.07
N GLN D 17 -4.94 30.21 -27.31
CA GLN D 17 -5.53 30.75 -26.10
C GLN D 17 -4.53 30.69 -24.94
N LYS D 18 -4.97 31.18 -23.78
CA LYS D 18 -4.16 31.17 -22.57
C LYS D 18 -5.02 30.62 -21.44
N VAL D 19 -4.65 29.44 -20.93
CA VAL D 19 -5.43 28.76 -19.91
C VAL D 19 -4.75 28.93 -18.56
N THR D 20 -5.56 28.79 -17.51
CA THR D 20 -5.09 28.97 -16.14
C THR D 20 -5.63 27.83 -15.29
N LEU D 21 -4.75 27.06 -14.66
CA LEU D 21 -5.12 25.94 -13.83
C LEU D 21 -4.70 26.21 -12.39
N SER D 22 -5.60 25.89 -11.45
CA SER D 22 -5.40 26.18 -10.04
C SER D 22 -5.26 24.88 -9.25
N CYS D 23 -4.41 24.90 -8.23
CA CYS D 23 -4.20 23.75 -7.35
C CYS D 23 -3.99 24.26 -5.93
N LYS D 24 -4.95 24.01 -5.06
CA LYS D 24 -4.87 24.42 -3.66
C LYS D 24 -4.64 23.21 -2.78
N SER D 25 -3.70 23.31 -1.85
CA SER D 25 -3.37 22.24 -0.93
C SER D 25 -4.10 22.42 0.40
N SER D 26 -4.13 21.34 1.18
CA SER D 26 -4.70 21.40 2.52
C SER D 26 -3.71 21.87 3.57
N GLN D 27 -2.42 21.74 3.30
CA GLN D 27 -1.37 22.26 4.16
C GLN D 27 -0.41 23.09 3.32
N SER D 28 0.56 23.72 3.97
CA SER D 28 1.52 24.58 3.29
C SER D 28 2.72 23.76 2.85
N LEU D 29 3.06 23.85 1.56
CA LEU D 29 4.25 23.22 1.01
C LEU D 29 5.48 24.11 1.12
N LEU D 30 5.36 25.27 1.76
CA LEU D 30 6.50 26.16 1.95
C LEU D 30 7.42 25.54 2.99
N ASN D 31 8.48 24.89 2.52
CA ASN D 31 9.52 24.41 3.41
C ASN D 31 10.14 25.58 4.16
N SER D 32 10.02 25.58 5.49
CA SER D 32 10.55 26.68 6.30
C SER D 32 12.04 26.41 6.53
N ILE D 33 12.82 26.84 5.53
CA ILE D 33 14.22 26.53 5.28
C ILE D 33 14.29 26.54 3.76
N ASN D 34 15.44 26.91 3.20
CA ASN D 34 15.67 26.98 1.75
C ASN D 34 14.60 27.77 0.98
N GLN D 35 13.51 28.13 1.66
CA GLN D 35 12.45 29.01 1.15
C GLN D 35 11.83 28.52 -0.15
N LYS D 36 11.88 27.22 -0.42
CA LYS D 36 11.36 26.66 -1.66
C LYS D 36 10.06 25.92 -1.41
N ASN D 37 9.15 25.98 -2.38
CA ASN D 37 7.90 25.24 -2.32
C ASN D 37 8.09 23.87 -2.97
N TYR D 38 7.42 22.87 -2.42
CA TYR D 38 7.58 21.49 -2.87
C TYR D 38 6.31 21.05 -3.61
N LEU D 39 6.15 21.59 -4.82
CA LEU D 39 5.03 21.28 -5.69
C LEU D 39 5.51 21.13 -7.12
N ALA D 40 5.01 20.10 -7.80
CA ALA D 40 5.41 19.80 -9.17
C ALA D 40 4.18 19.64 -10.04
N TRP D 41 4.32 19.99 -11.32
CA TRP D 41 3.26 19.87 -12.31
C TRP D 41 3.65 18.82 -13.34
N TYR D 42 2.68 17.98 -13.70
CA TYR D 42 2.91 16.86 -14.62
C TYR D 42 1.90 16.89 -15.76
N GLN D 43 2.33 16.46 -16.93
CA GLN D 43 1.50 16.36 -18.11
C GLN D 43 1.27 14.89 -18.47
N GLN D 44 0.04 14.55 -18.81
CA GLN D 44 -0.34 13.16 -19.08
C GLN D 44 -1.05 13.09 -20.43
N LYS D 45 -0.38 12.50 -21.42
CA LYS D 45 -0.92 12.23 -22.75
C LYS D 45 -1.58 10.85 -22.79
N PRO D 46 -2.55 10.64 -23.67
CA PRO D 46 -3.21 9.33 -23.74
C PRO D 46 -2.22 8.23 -24.10
N GLY D 47 -2.24 7.16 -23.30
CA GLY D 47 -1.30 6.06 -23.48
C GLY D 47 0.14 6.40 -23.13
N GLN D 48 0.42 7.61 -22.67
CA GLN D 48 1.77 8.07 -22.38
C GLN D 48 1.91 8.28 -20.87
N SER D 49 3.07 7.90 -20.34
CA SER D 49 3.35 8.06 -18.93
C SER D 49 3.51 9.54 -18.57
N PRO D 50 3.28 9.90 -17.31
CA PRO D 50 3.40 11.32 -16.93
C PRO D 50 4.82 11.83 -17.10
N LYS D 51 4.94 13.15 -17.23
CA LYS D 51 6.22 13.82 -17.38
C LYS D 51 6.19 15.13 -16.62
N MET D 52 7.28 15.42 -15.92
CA MET D 52 7.38 16.64 -15.14
C MET D 52 7.71 17.83 -16.04
N LEU D 53 6.97 18.92 -15.88
CA LEU D 53 7.25 20.17 -16.58
C LEU D 53 7.77 21.24 -15.66
N VAL D 54 7.14 21.43 -14.49
CA VAL D 54 7.51 22.45 -13.53
C VAL D 54 7.74 21.79 -12.18
N TYR D 55 8.81 22.19 -11.50
CA TYR D 55 9.07 21.78 -10.14
C TYR D 55 9.36 23.01 -9.29
N PHE D 56 9.34 22.82 -7.97
CA PHE D 56 9.54 23.91 -7.01
C PHE D 56 8.55 25.04 -7.25
N ALA D 57 7.42 24.70 -7.87
CA ALA D 57 6.28 25.58 -8.04
C ALA D 57 6.58 26.78 -8.96
N SER D 58 7.71 26.76 -9.66
CA SER D 58 8.05 27.84 -10.58
C SER D 58 9.08 27.43 -11.63
N THR D 59 10.08 26.64 -11.23
CA THR D 59 11.19 26.32 -12.11
C THR D 59 10.77 25.27 -13.12
N ARG D 60 10.56 25.67 -14.37
CA ARG D 60 10.33 24.71 -15.43
C ARG D 60 11.65 24.04 -15.79
N GLU D 61 11.57 22.75 -16.12
CA GLU D 61 12.78 21.95 -16.31
C GLU D 61 13.19 21.92 -17.78
N SER D 62 14.25 21.17 -18.06
CA SER D 62 14.82 21.14 -19.40
C SER D 62 13.82 20.58 -20.41
N GLY D 63 13.91 21.09 -21.64
CA GLY D 63 13.00 20.71 -22.70
C GLY D 63 11.65 21.38 -22.65
N VAL D 64 11.24 21.90 -21.49
CA VAL D 64 9.93 22.55 -21.33
C VAL D 64 10.00 23.96 -21.89
N PRO D 65 9.14 24.33 -22.83
CA PRO D 65 9.20 25.66 -23.41
C PRO D 65 8.70 26.73 -22.45
N ASP D 66 9.04 27.99 -22.77
CA ASP D 66 8.72 29.14 -21.93
C ASP D 66 7.22 29.49 -21.95
N ARG D 67 6.36 28.68 -22.57
CA ARG D 67 4.93 28.93 -22.55
C ARG D 67 4.26 28.42 -21.28
N PHE D 68 4.94 27.61 -20.49
CA PHE D 68 4.41 27.12 -19.22
C PHE D 68 4.94 28.02 -18.11
N ILE D 69 4.03 28.58 -17.31
CA ILE D 69 4.39 29.51 -16.24
C ILE D 69 3.78 29.00 -14.94
N GLY D 70 4.64 28.60 -14.00
CA GLY D 70 4.21 28.17 -12.69
C GLY D 70 4.33 29.30 -11.69
N SER D 71 3.22 29.58 -10.99
CA SER D 71 3.16 30.66 -10.02
C SER D 71 2.45 30.17 -8.76
N GLY D 72 2.46 31.02 -7.75
CA GLY D 72 1.83 30.71 -6.48
C GLY D 72 2.84 30.38 -5.41
N SER D 73 2.34 30.26 -4.18
CA SER D 73 3.18 29.96 -3.03
C SER D 73 2.31 29.46 -1.89
N GLY D 74 2.96 28.88 -0.89
CA GLY D 74 2.30 28.41 0.31
C GLY D 74 1.20 27.39 0.07
N THR D 75 -0.03 27.86 -0.09
CA THR D 75 -1.19 27.00 -0.21
C THR D 75 -1.89 27.07 -1.56
N ASP D 76 -1.70 28.13 -2.33
CA ASP D 76 -2.40 28.31 -3.59
C ASP D 76 -1.39 28.43 -4.73
N PHE D 77 -1.56 27.60 -5.75
CA PHE D 77 -0.64 27.55 -6.88
C PHE D 77 -1.42 27.61 -8.19
N THR D 78 -0.72 27.99 -9.25
CA THR D 78 -1.34 28.19 -10.54
C THR D 78 -0.36 27.83 -11.65
N LEU D 79 -0.86 27.13 -12.66
CA LEU D 79 -0.11 26.88 -13.89
C LEU D 79 -0.79 27.61 -15.03
N THR D 80 -0.01 28.37 -15.80
CA THR D 80 -0.51 29.15 -16.92
C THR D 80 0.23 28.76 -18.19
N ILE D 81 -0.51 28.66 -19.29
CA ILE D 81 0.04 28.38 -20.61
C ILE D 81 -0.39 29.51 -21.54
N SER D 82 0.58 30.24 -22.08
CA SER D 82 0.31 31.53 -22.71
C SER D 82 -0.32 31.37 -24.10
N SER D 83 0.35 30.65 -25.00
CA SER D 83 -0.14 30.45 -26.36
C SER D 83 -0.36 28.95 -26.56
N VAL D 84 -1.50 28.47 -26.08
CA VAL D 84 -1.75 27.03 -26.05
C VAL D 84 -1.84 26.49 -27.46
N GLN D 85 -1.38 25.24 -27.62
CA GLN D 85 -1.33 24.57 -28.91
C GLN D 85 -1.97 23.19 -28.77
N ALA D 86 -2.30 22.58 -29.91
CA ALA D 86 -3.00 21.30 -29.90
C ALA D 86 -2.19 20.20 -29.22
N GLU D 87 -0.89 20.38 -29.07
CA GLU D 87 -0.07 19.43 -28.33
C GLU D 87 -0.12 19.65 -26.83
N ASP D 88 -0.83 20.68 -26.36
CA ASP D 88 -1.06 20.88 -24.94
C ASP D 88 -2.31 20.16 -24.44
N LEU D 89 -3.13 19.63 -25.34
CA LEU D 89 -4.30 18.83 -24.97
C LEU D 89 -3.85 17.58 -24.22
N ALA D 90 -4.04 17.58 -22.90
CA ALA D 90 -3.61 16.48 -22.06
C ALA D 90 -4.29 16.63 -20.70
N ASP D 91 -3.87 15.82 -19.73
CA ASP D 91 -4.29 15.95 -18.35
C ASP D 91 -3.11 16.45 -17.52
N TYR D 92 -3.40 17.28 -16.53
CA TYR D 92 -2.37 17.93 -15.72
C TYR D 92 -2.60 17.62 -14.24
N PHE D 93 -1.52 17.31 -13.54
CA PHE D 93 -1.58 16.92 -12.14
C PHE D 93 -0.56 17.72 -11.33
N CYS D 94 -1.00 18.25 -10.20
CA CYS D 94 -0.09 18.82 -9.21
C CYS D 94 0.22 17.77 -8.16
N GLN D 95 1.44 17.81 -7.63
CA GLN D 95 1.90 16.81 -6.68
C GLN D 95 2.86 17.46 -5.70
N GLN D 96 2.75 17.07 -4.43
CA GLN D 96 3.57 17.62 -3.37
C GLN D 96 4.69 16.65 -3.00
N HIS D 97 5.85 17.21 -2.67
CA HIS D 97 6.97 16.45 -2.13
C HIS D 97 7.28 16.89 -0.70
N TYR D 98 6.41 17.68 -0.08
CA TYR D 98 6.72 18.29 1.21
C TYR D 98 6.85 17.24 2.29
N SER D 99 5.86 16.35 2.41
CA SER D 99 5.90 15.33 3.45
C SER D 99 5.21 14.07 2.94
N THR D 100 5.60 12.93 3.51
CA THR D 100 4.96 11.67 3.16
C THR D 100 3.59 11.60 3.82
N PRO D 101 2.59 11.02 3.14
CA PRO D 101 2.69 10.45 1.79
C PRO D 101 2.59 11.49 0.69
N LEU D 102 3.35 11.29 -0.39
CA LEU D 102 3.27 12.18 -1.54
C LEU D 102 1.92 12.02 -2.22
N THR D 103 1.21 13.12 -2.39
CA THR D 103 -0.15 13.09 -2.92
C THR D 103 -0.23 13.87 -4.22
N PHE D 104 -1.21 13.50 -5.03
CA PHE D 104 -1.46 14.11 -6.34
C PHE D 104 -2.78 14.85 -6.33
N GLY D 105 -3.04 15.56 -7.43
CA GLY D 105 -4.33 16.18 -7.63
C GLY D 105 -5.26 15.30 -8.45
N ALA D 106 -6.53 15.72 -8.50
CA ALA D 106 -7.52 14.94 -9.23
C ALA D 106 -7.26 14.97 -10.74
N GLY D 107 -6.62 16.02 -11.23
CA GLY D 107 -6.32 16.12 -12.64
C GLY D 107 -7.17 17.16 -13.33
N THR D 108 -6.56 17.84 -14.31
CA THR D 108 -7.24 18.86 -15.10
C THR D 108 -7.13 18.47 -16.57
N LYS D 109 -8.27 18.28 -17.23
CA LYS D 109 -8.34 17.75 -18.58
C LYS D 109 -8.53 18.90 -19.57
N LEU D 110 -7.53 19.12 -20.42
CA LEU D 110 -7.60 20.12 -21.47
C LEU D 110 -8.23 19.49 -22.71
N GLU D 111 -9.30 20.12 -23.19
CA GLU D 111 -10.02 19.61 -24.36
C GLU D 111 -10.12 20.69 -25.43
N LEU D 112 -10.21 20.24 -26.68
CA LEU D 112 -10.29 21.15 -27.82
C LEU D 112 -11.71 21.68 -27.95
N LYS D 113 -11.86 23.00 -27.93
CA LYS D 113 -13.17 23.63 -28.05
C LYS D 113 -13.54 23.79 -29.52
N ARG D 114 -14.82 23.63 -29.81
CA ARG D 114 -15.32 23.74 -31.18
C ARG D 114 -16.72 24.32 -31.14
N ALA D 115 -17.29 24.56 -32.32
CA ALA D 115 -18.68 24.96 -32.41
C ALA D 115 -19.58 23.84 -31.91
N ASP D 116 -20.70 24.23 -31.32
CA ASP D 116 -21.63 23.26 -30.78
C ASP D 116 -22.21 22.37 -31.88
N ALA D 117 -22.63 21.17 -31.49
CA ALA D 117 -23.19 20.22 -32.43
C ALA D 117 -24.26 19.40 -31.73
N ALA D 118 -25.36 19.16 -32.44
CA ALA D 118 -26.44 18.35 -31.87
C ALA D 118 -26.18 16.87 -32.11
N PRO D 119 -26.54 16.02 -31.16
CA PRO D 119 -26.33 14.57 -31.35
C PRO D 119 -27.33 13.97 -32.31
N THR D 120 -26.86 12.98 -33.07
CA THR D 120 -27.72 12.19 -33.94
C THR D 120 -28.16 10.93 -33.20
N VAL D 121 -29.47 10.72 -33.12
CA VAL D 121 -30.05 9.63 -32.34
C VAL D 121 -30.43 8.50 -33.27
N SER D 122 -30.24 7.26 -32.81
CA SER D 122 -30.59 6.08 -33.59
C SER D 122 -30.83 4.93 -32.62
N ILE D 123 -32.09 4.50 -32.52
CA ILE D 123 -32.49 3.44 -31.61
C ILE D 123 -32.62 2.14 -32.39
N PHE D 124 -32.25 1.03 -31.76
CA PHE D 124 -32.25 -0.27 -32.42
C PHE D 124 -32.97 -1.30 -31.58
N PRO D 125 -33.90 -2.05 -32.14
CA PRO D 125 -34.54 -3.15 -31.40
C PRO D 125 -33.57 -4.28 -31.15
N PRO D 126 -33.84 -5.14 -30.18
CA PRO D 126 -32.92 -6.25 -29.90
C PRO D 126 -32.84 -7.21 -31.07
N SER D 127 -31.64 -7.75 -31.30
CA SER D 127 -31.42 -8.66 -32.41
C SER D 127 -32.19 -9.96 -32.20
N SER D 128 -32.80 -10.45 -33.28
CA SER D 128 -33.57 -11.68 -33.20
C SER D 128 -32.71 -12.89 -32.84
N GLU D 129 -31.40 -12.82 -33.08
CA GLU D 129 -30.52 -13.93 -32.73
C GLU D 129 -30.41 -14.08 -31.21
N GLN D 130 -30.35 -12.97 -30.48
CA GLN D 130 -30.28 -13.02 -29.03
C GLN D 130 -31.65 -13.10 -28.38
N LEU D 131 -32.72 -12.77 -29.12
CA LEU D 131 -34.07 -12.85 -28.55
C LEU D 131 -34.41 -14.28 -28.16
N THR D 132 -34.09 -15.24 -29.02
CA THR D 132 -34.37 -16.64 -28.72
C THR D 132 -33.52 -17.18 -27.57
N SER D 133 -32.42 -16.50 -27.25
CA SER D 133 -31.54 -16.91 -26.15
C SER D 133 -31.95 -16.32 -24.81
N GLY D 134 -33.21 -15.88 -24.68
CA GLY D 134 -33.69 -15.30 -23.45
C GLY D 134 -33.26 -13.88 -23.19
N GLY D 135 -32.30 -13.35 -23.94
CA GLY D 135 -31.83 -12.01 -23.75
C GLY D 135 -32.47 -11.01 -24.70
N ALA D 136 -32.49 -9.75 -24.27
CA ALA D 136 -33.09 -8.69 -25.08
C ALA D 136 -32.45 -7.37 -24.67
N SER D 137 -31.62 -6.81 -25.55
CA SER D 137 -30.93 -5.55 -25.28
C SER D 137 -31.31 -4.53 -26.34
N VAL D 138 -31.69 -3.34 -25.89
CA VAL D 138 -32.05 -2.24 -26.77
C VAL D 138 -31.13 -1.06 -26.46
N VAL D 139 -30.53 -0.49 -27.51
CA VAL D 139 -29.54 0.57 -27.35
C VAL D 139 -29.83 1.67 -28.38
N CYS D 140 -29.72 2.92 -27.95
CA CYS D 140 -29.78 4.06 -28.84
C CYS D 140 -28.43 4.77 -28.84
N PHE D 141 -28.01 5.22 -30.03
CA PHE D 141 -26.73 5.87 -30.22
C PHE D 141 -26.91 7.38 -30.24
N LEU D 142 -26.04 8.09 -29.52
CA LEU D 142 -26.01 9.55 -29.49
C LEU D 142 -24.62 9.98 -29.91
N ASN D 143 -24.45 10.26 -31.20
CA ASN D 143 -23.13 10.50 -31.79
C ASN D 143 -22.96 11.95 -32.20
N ASN D 144 -21.73 12.43 -32.06
CA ASN D 144 -21.30 13.74 -32.59
C ASN D 144 -22.13 14.87 -31.98
N PHE D 145 -21.88 15.15 -30.71
CA PHE D 145 -22.49 16.27 -30.02
C PHE D 145 -21.44 17.09 -29.29
N TYR D 146 -21.72 18.39 -29.16
CA TYR D 146 -20.89 19.32 -28.43
C TYR D 146 -21.82 20.40 -27.89
N PRO D 147 -21.72 20.76 -26.60
CA PRO D 147 -20.71 20.28 -25.65
C PRO D 147 -21.05 18.95 -24.99
N LYS D 148 -20.43 18.70 -23.84
CA LYS D 148 -20.49 17.40 -23.17
C LYS D 148 -21.80 17.20 -22.41
N ASP D 149 -22.51 18.28 -22.07
CA ASP D 149 -23.70 18.19 -21.25
C ASP D 149 -24.81 17.48 -22.04
N ILE D 150 -25.06 16.22 -21.71
CA ILE D 150 -26.11 15.44 -22.35
C ILE D 150 -26.70 14.49 -21.32
N ASN D 151 -27.99 14.20 -21.48
CA ASN D 151 -28.70 13.29 -20.59
C ASN D 151 -29.65 12.43 -21.40
N VAL D 152 -29.56 11.12 -21.23
CA VAL D 152 -30.42 10.18 -21.93
C VAL D 152 -31.40 9.57 -20.93
N LYS D 153 -32.59 9.22 -21.42
CA LYS D 153 -33.62 8.67 -20.56
C LYS D 153 -34.45 7.67 -21.35
N TRP D 154 -34.79 6.55 -20.71
CA TRP D 154 -35.61 5.52 -21.30
C TRP D 154 -37.02 5.62 -20.73
N LYS D 155 -37.96 6.06 -21.56
CA LYS D 155 -39.38 6.12 -21.20
C LYS D 155 -40.11 5.12 -22.10
N ILE D 156 -40.27 3.89 -21.59
CA ILE D 156 -40.83 2.80 -22.38
C ILE D 156 -42.17 3.21 -22.99
N ASP D 157 -43.15 3.50 -22.13
CA ASP D 157 -44.45 4.01 -22.54
C ASP D 157 -44.84 5.09 -21.53
N GLY D 158 -44.06 6.18 -21.53
CA GLY D 158 -44.15 7.17 -20.48
C GLY D 158 -43.56 6.74 -19.15
N SER D 159 -43.19 5.47 -19.00
CA SER D 159 -42.62 4.95 -17.77
C SER D 159 -41.11 5.09 -17.83
N GLU D 160 -40.57 6.01 -17.03
CA GLU D 160 -39.13 6.23 -16.99
C GLU D 160 -38.42 4.99 -16.47
N ARG D 161 -37.62 4.35 -17.33
CA ARG D 161 -36.89 3.13 -16.97
C ARG D 161 -35.49 3.53 -16.51
N GLN D 162 -35.34 3.67 -15.19
CA GLN D 162 -34.06 3.99 -14.56
C GLN D 162 -33.41 2.75 -13.96
N ASN D 163 -33.74 1.57 -14.47
CA ASN D 163 -33.22 0.31 -13.94
C ASN D 163 -32.91 -0.62 -15.11
N GLY D 164 -31.64 -1.01 -15.23
CA GLY D 164 -31.22 -1.92 -16.27
C GLY D 164 -30.54 -1.29 -17.47
N VAL D 165 -30.15 -0.02 -17.37
CA VAL D 165 -29.53 0.68 -18.49
C VAL D 165 -28.01 0.56 -18.37
N LEU D 166 -27.31 0.90 -19.46
CA LEU D 166 -25.85 0.81 -19.48
C LEU D 166 -25.33 1.83 -20.47
N ASN D 167 -24.54 2.80 -19.98
CA ASN D 167 -24.03 3.89 -20.78
C ASN D 167 -22.53 3.74 -20.99
N SER D 168 -22.04 4.36 -22.07
CA SER D 168 -20.63 4.34 -22.41
C SER D 168 -20.32 5.59 -23.23
N TRP D 169 -19.19 6.24 -22.91
CA TRP D 169 -18.85 7.53 -23.50
C TRP D 169 -17.51 7.47 -24.21
N THR D 170 -17.40 8.27 -25.26
CA THR D 170 -16.12 8.58 -25.91
C THR D 170 -15.77 10.04 -25.62
N ASP D 171 -14.47 10.31 -25.51
CA ASP D 171 -13.98 11.60 -25.03
C ASP D 171 -13.27 12.35 -26.16
N GLN D 172 -14.02 13.19 -26.87
CA GLN D 172 -13.48 14.12 -27.85
C GLN D 172 -12.60 13.43 -28.89
N ASP D 173 -13.21 12.89 -29.94
CA ASP D 173 -12.46 12.31 -31.04
C ASP D 173 -11.44 13.30 -31.57
N SER D 174 -10.22 12.80 -31.83
CA SER D 174 -9.16 13.67 -32.34
C SER D 174 -9.62 14.46 -33.55
N LYS D 175 -10.37 13.82 -34.44
CA LYS D 175 -10.97 14.50 -35.58
C LYS D 175 -12.34 15.03 -35.19
N ASP D 176 -12.64 16.26 -35.64
CA ASP D 176 -13.94 16.91 -35.44
C ASP D 176 -14.21 17.25 -33.98
N SER D 177 -13.34 16.80 -33.07
CA SER D 177 -13.42 17.09 -31.63
C SER D 177 -14.83 16.95 -31.08
N THR D 178 -15.56 15.93 -31.51
CA THR D 178 -16.93 15.69 -31.07
C THR D 178 -16.97 14.54 -30.06
N TYR D 179 -18.13 14.39 -29.44
CA TYR D 179 -18.37 13.39 -28.41
C TYR D 179 -19.51 12.47 -28.84
N SER D 180 -19.44 11.22 -28.39
CA SER D 180 -20.45 10.22 -28.72
C SER D 180 -20.73 9.37 -27.49
N MET D 181 -21.95 8.84 -27.43
CA MET D 181 -22.39 8.09 -26.27
C MET D 181 -23.39 7.03 -26.71
N SER D 182 -23.36 5.88 -26.04
CA SER D 182 -24.31 4.80 -26.30
C SER D 182 -24.91 4.37 -24.97
N SER D 183 -26.23 4.24 -24.93
CA SER D 183 -26.95 3.80 -23.75
C SER D 183 -27.71 2.52 -24.09
N THR D 184 -27.37 1.43 -23.41
CA THR D 184 -27.94 0.12 -23.70
C THR D 184 -28.81 -0.33 -22.52
N LEU D 185 -30.05 -0.69 -22.82
CA LEU D 185 -30.99 -1.23 -21.85
C LEU D 185 -31.19 -2.70 -22.14
N THR D 186 -30.92 -3.55 -21.14
CA THR D 186 -30.99 -4.99 -21.29
C THR D 186 -32.07 -5.55 -20.39
N LEU D 187 -33.07 -6.20 -20.98
CA LEU D 187 -34.14 -6.88 -20.26
C LEU D 187 -34.15 -8.35 -20.65
N THR D 188 -34.95 -9.12 -19.93
CA THR D 188 -35.12 -10.52 -20.29
C THR D 188 -36.10 -10.63 -21.47
N LYS D 189 -36.14 -11.82 -22.06
CA LYS D 189 -37.00 -12.05 -23.22
C LYS D 189 -38.47 -11.86 -22.85
N ASP D 190 -38.89 -12.40 -21.71
CA ASP D 190 -40.29 -12.27 -21.30
C ASP D 190 -40.60 -10.84 -20.86
N GLU D 191 -39.66 -10.18 -20.19
CA GLU D 191 -39.85 -8.78 -19.85
C GLU D 191 -39.92 -7.90 -21.09
N TYR D 192 -39.15 -8.25 -22.12
CA TYR D 192 -39.30 -7.60 -23.41
C TYR D 192 -40.62 -8.04 -24.07
N GLU D 193 -41.07 -7.25 -25.04
CA GLU D 193 -42.39 -7.41 -25.64
C GLU D 193 -43.47 -7.33 -24.56
N ARG D 194 -43.43 -6.24 -23.80
CA ARG D 194 -44.41 -5.96 -22.76
C ARG D 194 -44.55 -4.44 -22.69
N HIS D 195 -45.42 -3.90 -23.55
CA HIS D 195 -45.84 -2.50 -23.72
C HIS D 195 -45.69 -2.10 -25.19
N ASN D 196 -45.10 -2.98 -25.99
CA ASN D 196 -45.07 -2.90 -27.46
C ASN D 196 -44.35 -1.67 -27.99
N SER D 197 -43.70 -0.88 -27.14
CA SER D 197 -43.01 0.32 -27.60
C SER D 197 -41.92 0.67 -26.60
N TYR D 198 -40.76 1.07 -27.12
CA TYR D 198 -39.59 1.39 -26.29
C TYR D 198 -39.01 2.71 -26.80
N THR D 199 -39.30 3.80 -26.10
CA THR D 199 -38.80 5.11 -26.49
C THR D 199 -37.51 5.43 -25.76
N CYS D 200 -36.61 6.11 -26.46
CA CYS D 200 -35.34 6.57 -25.90
C CYS D 200 -35.18 8.04 -26.23
N GLU D 201 -35.11 8.88 -25.21
CA GLU D 201 -35.02 10.32 -25.38
C GLU D 201 -33.68 10.83 -24.85
N ALA D 202 -33.26 11.98 -25.37
CA ALA D 202 -31.98 12.57 -24.97
C ALA D 202 -32.08 14.08 -25.10
N THR D 203 -31.61 14.78 -24.07
CA THR D 203 -31.58 16.23 -24.06
C THR D 203 -30.13 16.71 -24.09
N HIS D 204 -29.92 17.85 -24.77
CA HIS D 204 -28.58 18.38 -24.98
C HIS D 204 -28.63 19.89 -24.79
N LYS D 205 -27.44 20.49 -24.67
CA LYS D 205 -27.35 21.94 -24.56
C LYS D 205 -27.92 22.63 -25.79
N THR D 206 -27.62 22.11 -26.98
CA THR D 206 -28.18 22.67 -28.21
C THR D 206 -29.66 22.33 -28.35
N SER D 207 -30.09 21.19 -27.81
CA SER D 207 -31.47 20.73 -27.95
C SER D 207 -32.28 21.34 -26.82
N THR D 208 -33.05 22.39 -27.13
CA THR D 208 -33.98 22.94 -26.16
C THR D 208 -35.03 21.94 -25.75
N SER D 209 -35.28 20.93 -26.58
CA SER D 209 -36.25 19.87 -26.34
C SER D 209 -35.57 18.51 -26.39
N PRO D 210 -36.07 17.52 -25.64
CA PRO D 210 -35.48 16.18 -25.71
C PRO D 210 -35.81 15.50 -27.03
N ILE D 211 -34.80 14.89 -27.65
CA ILE D 211 -34.95 14.21 -28.93
C ILE D 211 -35.38 12.78 -28.65
N VAL D 212 -36.60 12.42 -29.06
CA VAL D 212 -37.19 11.13 -28.77
C VAL D 212 -37.18 10.26 -30.01
N LYS D 213 -36.98 8.96 -29.82
CA LYS D 213 -37.05 7.99 -30.91
C LYS D 213 -37.53 6.67 -30.36
N SER D 214 -38.47 6.04 -31.06
CA SER D 214 -39.07 4.79 -30.62
C SER D 214 -39.17 3.83 -31.80
N PHE D 215 -39.80 2.68 -31.57
CA PHE D 215 -40.04 1.70 -32.61
C PHE D 215 -41.19 0.80 -32.21
N ASN D 216 -41.99 0.39 -33.19
CA ASN D 216 -43.15 -0.45 -32.93
C ASN D 216 -42.70 -1.88 -32.58
N ARG D 217 -43.47 -2.51 -31.70
CA ARG D 217 -43.26 -3.89 -31.30
C ARG D 217 -41.87 -4.10 -30.68
#